data_4Y15
#
_entry.id   4Y15
#
_cell.length_a   88.620
_cell.length_b   92.694
_cell.length_c   119.698
_cell.angle_alpha   90.00
_cell.angle_beta   90.00
_cell.angle_gamma   90.00
#
_symmetry.space_group_name_H-M   'P 21 21 2'
#
loop_
_entity.id
_entity.type
_entity.pdbx_description
1 polymer 'Transcriptional regulator of ftsQAZ gene cluster'
2 non-polymer 'SULFATE ION'
3 non-polymer 3-oxo-N-[(3S)-2-oxotetrahydrofuran-3-yl]hexanamide
4 water water
#
_entity_poly.entity_id   1
_entity_poly.type   'polypeptide(L)'
_entity_poly.pdbx_seq_one_letter_code
;MQDTDFFSWRRTMLLRFQRMETAEEVYHEIELQAQQLEYDYYSLCVRHPVPFTRPKVAFYTNYPEAWVSYYQAKNFLAID
PVLNPENFSQGHLMWNDDLFNEAQPLWEAARAHGLRRGVTQYLMLPNRALGFLSFSRCSAREIPILSDELQLKMQLLVRE
SLMALMRLNDEIVMTPEMNFSKREKEILRWTAEGKTSAEIAMILSISENTVNFHQKNMQKKINAPNKTQVACYAAATGLI
HHHHHH
;
_entity_poly.pdbx_strand_id   A,B,C
#
# COMPACT_ATOMS: atom_id res chain seq x y z
N ASP A 5 -15.10 -21.72 -1.61
CA ASP A 5 -14.33 -21.60 -0.37
C ASP A 5 -13.81 -20.18 -0.21
N PHE A 6 -13.58 -19.52 -1.34
CA PHE A 6 -13.24 -18.10 -1.37
C PHE A 6 -14.47 -17.26 -1.04
N PHE A 7 -15.59 -17.65 -1.62
CA PHE A 7 -16.85 -16.95 -1.45
C PHE A 7 -17.18 -16.87 0.04
N SER A 8 -16.71 -17.86 0.79
CA SER A 8 -16.83 -17.84 2.24
C SER A 8 -15.93 -16.76 2.84
N TRP A 9 -14.73 -16.59 2.28
CA TRP A 9 -13.84 -15.51 2.71
C TRP A 9 -14.49 -14.18 2.42
N ARG A 10 -15.07 -14.06 1.22
CA ARG A 10 -15.77 -12.86 0.83
C ARG A 10 -16.83 -12.52 1.85
N ARG A 11 -17.68 -13.50 2.16
CA ARG A 11 -18.81 -13.29 3.05
C ARG A 11 -18.40 -12.97 4.48
N THR A 12 -17.30 -13.55 4.95
CA THR A 12 -16.86 -13.29 6.32
C THR A 12 -16.35 -11.86 6.41
N MET A 13 -15.53 -11.47 5.45
CA MET A 13 -15.00 -10.10 5.40
C MET A 13 -16.14 -9.09 5.37
N LEU A 14 -17.15 -9.35 4.55
CA LEU A 14 -18.30 -8.45 4.48
C LEU A 14 -18.96 -8.32 5.85
N LEU A 15 -19.14 -9.45 6.53
CA LEU A 15 -19.77 -9.43 7.86
C LEU A 15 -18.92 -8.65 8.86
N ARG A 16 -17.61 -8.91 8.84
CA ARG A 16 -16.66 -8.20 9.68
C ARG A 16 -16.79 -6.69 9.52
N PHE A 17 -16.57 -6.21 8.32
CA PHE A 17 -16.56 -4.78 8.04
C PHE A 17 -17.90 -4.08 8.27
N GLN A 18 -19.01 -4.76 7.98
CA GLN A 18 -20.33 -4.16 8.18
C GLN A 18 -20.60 -3.90 9.66
N ARG A 19 -20.06 -4.75 10.52
CA ARG A 19 -20.32 -4.67 11.96
C ARG A 19 -19.20 -3.99 12.75
N MET A 20 -18.23 -3.39 12.06
CA MET A 20 -17.19 -2.64 12.75
C MET A 20 -17.73 -1.33 13.27
N GLU A 21 -17.24 -0.92 14.43
CA GLU A 21 -17.74 0.26 15.13
C GLU A 21 -16.62 1.28 15.31
N THR A 22 -15.39 0.87 14.99
CA THR A 22 -14.21 1.67 15.27
C THR A 22 -13.19 1.71 14.13
N ALA A 23 -12.47 2.83 14.04
CA ALA A 23 -11.42 2.99 13.03
C ALA A 23 -10.23 2.07 13.27
N GLU A 24 -9.78 1.90 14.51
CA GLU A 24 -8.63 1.04 14.76
C GLU A 24 -8.94 -0.41 14.40
N GLU A 25 -10.23 -0.75 14.39
CA GLU A 25 -10.65 -2.10 14.04
C GLU A 25 -10.53 -2.30 12.54
N VAL A 26 -10.77 -1.23 11.79
CA VAL A 26 -10.60 -1.29 10.35
C VAL A 26 -9.12 -1.46 10.03
N TYR A 27 -8.28 -0.64 10.65
CA TYR A 27 -6.85 -0.72 10.40
C TYR A 27 -6.26 -2.03 10.93
N HIS A 28 -6.82 -2.56 12.00
CA HIS A 28 -6.37 -3.84 12.53
C HIS A 28 -6.68 -4.97 11.55
N GLU A 29 -7.89 -4.97 11.02
CA GLU A 29 -8.30 -6.00 10.07
C GLU A 29 -7.44 -5.96 8.81
N ILE A 30 -7.13 -4.75 8.36
CA ILE A 30 -6.24 -4.59 7.22
C ILE A 30 -4.87 -5.19 7.56
N GLU A 31 -4.40 -4.93 8.77
CA GLU A 31 -3.10 -5.41 9.22
C GLU A 31 -3.01 -6.93 9.17
N LEU A 32 -4.03 -7.59 9.69
CA LEU A 32 -4.15 -9.05 9.64
C LEU A 32 -4.22 -9.64 8.25
N GLN A 33 -5.04 -9.03 7.41
CA GLN A 33 -5.28 -9.56 6.08
C GLN A 33 -4.02 -9.41 5.25
N ALA A 34 -3.30 -8.32 5.47
CA ALA A 34 -2.04 -8.11 4.79
C ALA A 34 -1.03 -9.17 5.23
N GLN A 35 -1.04 -9.49 6.51
CA GLN A 35 -0.10 -10.47 7.05
C GLN A 35 -0.43 -11.90 6.65
N GLN A 36 -1.72 -12.26 6.65
CA GLN A 36 -2.11 -13.57 6.11
C GLN A 36 -1.69 -13.76 4.66
N LEU A 37 -1.52 -12.67 3.93
CA LEU A 37 -1.13 -12.72 2.53
C LEU A 37 0.39 -12.59 2.37
N GLU A 38 1.11 -12.82 3.46
CA GLU A 38 2.57 -12.82 3.46
C GLU A 38 3.12 -11.42 3.14
N TYR A 39 2.43 -10.39 3.62
CA TYR A 39 2.90 -9.01 3.56
C TYR A 39 3.09 -8.43 4.95
N ASP A 40 4.15 -7.65 5.14
CA ASP A 40 4.47 -7.09 6.44
C ASP A 40 3.76 -5.77 6.69
N TYR A 41 3.82 -4.88 5.72
CA TYR A 41 3.29 -3.53 5.87
C TYR A 41 2.12 -3.23 4.95
N TYR A 42 1.20 -2.40 5.46
CA TYR A 42 0.08 -1.90 4.68
C TYR A 42 0.10 -0.39 4.75
N SER A 43 -0.51 0.26 3.76
CA SER A 43 -0.59 1.70 3.73
C SER A 43 -1.86 2.11 3.02
N LEU A 44 -2.70 2.88 3.69
CA LEU A 44 -3.97 3.29 3.12
C LEU A 44 -3.98 4.79 2.90
N CYS A 45 -4.08 5.19 1.64
CA CYS A 45 -3.92 6.58 1.23
C CYS A 45 -5.14 7.05 0.46
N VAL A 46 -5.54 8.31 0.66
CA VAL A 46 -6.72 8.84 0.01
C VAL A 46 -6.41 10.23 -0.56
N ARG A 47 -6.58 10.37 -1.87
CA ARG A 47 -6.46 11.67 -2.54
C ARG A 47 -7.85 12.22 -2.80
N HIS A 48 -8.15 13.39 -2.23
CA HIS A 48 -9.46 14.00 -2.40
C HIS A 48 -9.51 14.74 -3.75
N PRO A 49 -10.73 14.95 -4.28
CA PRO A 49 -10.85 15.61 -5.58
C PRO A 49 -10.60 17.12 -5.52
N VAL A 50 -10.60 17.69 -4.32
CA VAL A 50 -10.37 19.12 -4.14
C VAL A 50 -9.42 19.41 -2.98
N PRO A 51 -8.78 20.60 -2.99
CA PRO A 51 -8.83 21.63 -4.04
C PRO A 51 -8.22 21.14 -5.36
N PHE A 52 -8.59 21.79 -6.46
CA PHE A 52 -8.25 21.32 -7.79
C PHE A 52 -6.76 21.38 -8.12
N THR A 53 -6.06 22.38 -7.57
CA THR A 53 -4.64 22.56 -7.86
C THR A 53 -3.72 21.82 -6.88
N ARG A 54 -4.08 21.84 -5.60
CA ARG A 54 -3.33 21.10 -4.57
C ARG A 54 -4.25 20.19 -3.77
N PRO A 55 -4.70 19.07 -4.39
CA PRO A 55 -5.68 18.18 -3.76
C PRO A 55 -5.20 17.62 -2.42
N LYS A 56 -6.11 17.51 -1.46
CA LYS A 56 -5.73 17.06 -0.12
C LYS A 56 -5.45 15.56 -0.12
N VAL A 57 -4.40 15.16 0.60
CA VAL A 57 -4.03 13.76 0.73
C VAL A 57 -3.75 13.35 2.18
N ALA A 58 -4.49 12.35 2.65
CA ALA A 58 -4.30 11.79 3.98
C ALA A 58 -3.97 10.30 3.86
N PHE A 59 -3.22 9.77 4.81
CA PHE A 59 -2.92 8.34 4.81
C PHE A 59 -2.75 7.79 6.22
N TYR A 60 -2.76 6.47 6.33
CA TYR A 60 -2.56 5.79 7.59
C TYR A 60 -1.86 4.47 7.29
N THR A 61 -0.75 4.22 7.98
CA THR A 61 0.09 3.05 7.69
C THR A 61 0.82 2.53 8.92
N ASN A 62 1.21 1.27 8.87
CA ASN A 62 2.05 0.68 9.91
C ASN A 62 3.50 0.59 9.44
N TYR A 63 3.85 1.40 8.44
CA TYR A 63 5.24 1.54 8.03
C TYR A 63 6.11 1.97 9.22
N PRO A 64 7.39 1.58 9.21
CA PRO A 64 8.37 2.08 10.17
C PRO A 64 8.40 3.61 10.24
N GLU A 65 8.35 4.17 11.45
CA GLU A 65 8.32 5.61 11.63
C GLU A 65 9.44 6.30 10.89
N ALA A 66 10.59 5.64 10.83
CA ALA A 66 11.77 6.18 10.14
C ALA A 66 11.52 6.42 8.66
N TRP A 67 10.92 5.43 7.99
CA TRP A 67 10.62 5.53 6.57
C TRP A 67 9.53 6.55 6.27
N VAL A 68 8.47 6.54 7.07
CA VAL A 68 7.38 7.50 6.91
C VAL A 68 7.91 8.94 7.01
N SER A 69 8.74 9.19 8.01
CA SER A 69 9.33 10.52 8.21
C SER A 69 10.17 10.96 7.02
N TYR A 70 10.96 10.03 6.48
CA TYR A 70 11.82 10.32 5.34
C TYR A 70 10.96 10.60 4.10
N TYR A 71 9.95 9.75 3.90
CA TYR A 71 9.03 9.88 2.77
C TYR A 71 8.39 11.26 2.71
N GLN A 72 7.89 11.72 3.86
CA GLN A 72 7.26 13.02 3.96
C GLN A 72 8.26 14.16 3.74
N ALA A 73 9.42 14.04 4.37
CA ALA A 73 10.45 15.07 4.30
C ALA A 73 10.89 15.36 2.87
N LYS A 74 10.97 14.30 2.05
CA LYS A 74 11.44 14.46 0.67
C LYS A 74 10.26 14.77 -0.26
N ASN A 75 9.07 14.92 0.31
CA ASN A 75 7.87 15.22 -0.46
C ASN A 75 7.64 14.21 -1.58
N PHE A 76 7.59 12.93 -1.22
CA PHE A 76 7.45 11.87 -2.19
C PHE A 76 6.01 11.63 -2.66
N LEU A 77 5.01 12.13 -1.91
CA LEU A 77 3.63 12.04 -2.36
C LEU A 77 3.45 12.64 -3.74
N ALA A 78 4.19 13.72 -4.00
CA ALA A 78 4.02 14.49 -5.23
C ALA A 78 4.50 13.74 -6.46
N ILE A 79 5.19 12.62 -6.28
CA ILE A 79 5.81 11.91 -7.41
C ILE A 79 5.66 10.38 -7.30
N ASP A 80 4.87 9.90 -6.36
CA ASP A 80 4.73 8.46 -6.15
C ASP A 80 3.89 7.83 -7.27
N PRO A 81 4.50 6.92 -8.05
CA PRO A 81 3.75 6.27 -9.13
C PRO A 81 2.64 5.35 -8.61
N VAL A 82 2.82 4.83 -7.40
CA VAL A 82 1.84 3.95 -6.78
C VAL A 82 0.52 4.69 -6.55
N LEU A 83 0.57 6.02 -6.57
CA LEU A 83 -0.61 6.86 -6.37
C LEU A 83 -1.10 7.50 -7.67
N ASN A 84 -0.60 7.00 -8.80
CA ASN A 84 -1.01 7.50 -10.11
C ASN A 84 -1.89 6.45 -10.81
N PRO A 85 -3.20 6.75 -10.98
CA PRO A 85 -4.10 5.74 -11.55
C PRO A 85 -3.73 5.30 -12.97
N GLU A 86 -2.97 6.12 -13.69
CA GLU A 86 -2.60 5.80 -15.06
C GLU A 86 -1.73 4.54 -15.13
N ASN A 87 -1.07 4.21 -14.03
CA ASN A 87 -0.17 3.06 -13.98
C ASN A 87 -0.90 1.78 -13.60
N PHE A 88 -2.20 1.89 -13.34
CA PHE A 88 -3.00 0.75 -12.91
C PHE A 88 -3.72 0.07 -14.06
N SER A 89 -4.14 -1.17 -13.85
CA SER A 89 -4.96 -1.92 -14.81
C SER A 89 -5.95 -2.80 -14.06
N GLN A 90 -7.24 -2.63 -14.32
CA GLN A 90 -8.28 -3.25 -13.48
C GLN A 90 -8.11 -2.85 -12.02
N GLY A 91 -7.62 -1.62 -11.81
CA GLY A 91 -7.46 -1.10 -10.47
C GLY A 91 -6.34 -1.75 -9.67
N HIS A 92 -5.42 -2.40 -10.36
CA HIS A 92 -4.36 -3.17 -9.70
C HIS A 92 -2.98 -2.77 -10.19
N LEU A 93 -1.99 -2.97 -9.34
CA LEU A 93 -0.62 -2.59 -9.64
C LEU A 93 0.37 -3.42 -8.85
N MET A 94 1.22 -4.15 -9.56
CA MET A 94 2.33 -4.87 -8.93
C MET A 94 3.58 -4.02 -9.08
N TRP A 95 4.30 -3.83 -7.98
CA TRP A 95 5.46 -2.95 -8.01
C TRP A 95 6.60 -3.62 -8.75
N ASN A 96 7.26 -2.86 -9.62
CA ASN A 96 8.42 -3.34 -10.35
C ASN A 96 9.38 -2.19 -10.55
N ASP A 97 10.58 -2.47 -11.06
CA ASP A 97 11.61 -1.45 -11.18
C ASP A 97 11.29 -0.36 -12.22
N ASP A 98 10.69 -0.75 -13.34
CA ASP A 98 10.37 0.20 -14.40
C ASP A 98 9.32 1.21 -13.98
N LEU A 99 8.54 0.85 -12.96
CA LEU A 99 7.50 1.73 -12.46
C LEU A 99 8.11 3.02 -11.87
N PHE A 100 9.30 2.90 -11.30
CA PHE A 100 9.96 4.03 -10.65
C PHE A 100 11.08 4.61 -11.52
N ASN A 101 10.96 4.45 -12.83
CA ASN A 101 11.97 4.97 -13.75
C ASN A 101 12.06 6.49 -13.69
N GLU A 102 10.96 7.15 -13.36
CA GLU A 102 10.91 8.61 -13.27
C GLU A 102 10.87 9.05 -11.81
N ALA A 103 11.00 8.10 -10.89
CA ALA A 103 11.07 8.39 -9.46
C ALA A 103 12.05 7.44 -8.79
N GLN A 104 13.24 7.31 -9.38
CA GLN A 104 14.28 6.44 -8.85
C GLN A 104 14.71 6.82 -7.43
N PRO A 105 14.75 8.13 -7.12
CA PRO A 105 15.09 8.53 -5.75
C PRO A 105 14.16 7.91 -4.69
N LEU A 106 12.88 7.80 -5.00
CA LEU A 106 11.92 7.18 -4.10
C LEU A 106 12.23 5.70 -3.93
N TRP A 107 12.44 5.02 -5.06
CA TRP A 107 12.68 3.59 -5.07
C TRP A 107 13.95 3.24 -4.29
N GLU A 108 14.99 4.04 -4.49
CA GLU A 108 16.26 3.79 -3.82
C GLU A 108 16.16 4.00 -2.30
N ALA A 109 15.44 5.04 -1.89
CA ALA A 109 15.25 5.31 -0.47
C ALA A 109 14.37 4.23 0.16
N ALA A 110 13.42 3.72 -0.62
CA ALA A 110 12.52 2.67 -0.15
C ALA A 110 13.26 1.37 0.08
N ARG A 111 14.08 0.96 -0.88
CA ARG A 111 14.89 -0.24 -0.74
C ARG A 111 15.84 -0.12 0.46
N ALA A 112 16.37 1.08 0.67
CA ALA A 112 17.31 1.34 1.74
C ALA A 112 16.66 1.13 3.09
N HIS A 113 15.35 1.37 3.16
CA HIS A 113 14.61 1.24 4.41
C HIS A 113 13.93 -0.12 4.55
N GLY A 114 14.09 -0.99 3.56
CA GLY A 114 13.71 -2.38 3.70
C GLY A 114 12.46 -2.83 2.96
N LEU A 115 12.01 -2.03 1.99
CA LEU A 115 10.83 -2.35 1.18
C LEU A 115 11.22 -3.00 -0.14
N ARG A 116 11.14 -4.33 -0.18
CA ARG A 116 11.62 -5.10 -1.31
C ARG A 116 10.54 -5.36 -2.36
N ARG A 117 9.36 -5.79 -1.90
CA ARG A 117 8.26 -6.14 -2.79
C ARG A 117 6.97 -5.46 -2.33
N GLY A 118 6.12 -5.08 -3.28
CA GLY A 118 4.83 -4.52 -2.93
C GLY A 118 3.78 -4.59 -4.03
N VAL A 119 2.57 -4.19 -3.68
CA VAL A 119 1.41 -4.27 -4.55
C VAL A 119 0.40 -3.24 -4.10
N THR A 120 -0.35 -2.67 -5.04
CA THR A 120 -1.34 -1.63 -4.70
C THR A 120 -2.67 -1.82 -5.41
N GLN A 121 -3.75 -1.56 -4.68
CA GLN A 121 -5.10 -1.63 -5.21
C GLN A 121 -5.79 -0.28 -4.96
N TYR A 122 -6.61 0.18 -5.90
CA TYR A 122 -7.30 1.47 -5.74
C TYR A 122 -8.74 1.46 -6.28
N LEU A 123 -9.54 2.40 -5.77
CA LEU A 123 -10.87 2.66 -6.32
C LEU A 123 -11.27 4.12 -6.10
N MET A 124 -12.40 4.50 -6.69
CA MET A 124 -12.98 5.83 -6.49
C MET A 124 -14.13 5.70 -5.50
N LEU A 125 -14.20 6.64 -4.55
CA LEU A 125 -15.24 6.61 -3.53
C LEU A 125 -16.43 7.46 -3.98
N PRO A 126 -17.58 7.32 -3.30
CA PRO A 126 -18.77 8.11 -3.68
C PRO A 126 -18.57 9.62 -3.64
N ASN A 127 -17.61 10.10 -2.85
CA ASN A 127 -17.24 11.52 -2.85
C ASN A 127 -16.15 11.85 -3.88
N ARG A 128 -15.95 10.93 -4.81
CA ARG A 128 -14.97 11.06 -5.90
C ARG A 128 -13.54 11.02 -5.40
N ALA A 129 -13.34 10.68 -4.13
CA ALA A 129 -12.00 10.55 -3.58
C ALA A 129 -11.37 9.23 -4.03
N LEU A 130 -10.09 9.27 -4.33
CA LEU A 130 -9.36 8.09 -4.76
C LEU A 130 -8.66 7.45 -3.57
N GLY A 131 -8.96 6.18 -3.32
CA GLY A 131 -8.38 5.44 -2.21
C GLY A 131 -7.36 4.43 -2.69
N PHE A 132 -6.21 4.38 -2.02
CA PHE A 132 -5.12 3.48 -2.41
C PHE A 132 -4.70 2.58 -1.25
N LEU A 133 -4.80 1.27 -1.46
CA LEU A 133 -4.28 0.30 -0.49
C LEU A 133 -3.02 -0.33 -1.05
N SER A 134 -1.94 -0.22 -0.30
CA SER A 134 -0.68 -0.84 -0.66
C SER A 134 -0.29 -1.88 0.36
N PHE A 135 0.18 -3.04 -0.10
CA PHE A 135 0.80 -4.03 0.77
C PHE A 135 2.26 -4.12 0.34
N SER A 136 3.15 -4.32 1.30
CA SER A 136 4.56 -4.49 1.00
C SER A 136 5.25 -5.41 2.00
N ARG A 137 6.30 -6.08 1.54
CA ARG A 137 7.07 -6.99 2.38
C ARG A 137 8.56 -6.72 2.23
N CYS A 138 9.31 -7.03 3.27
CA CYS A 138 10.75 -6.83 3.27
C CYS A 138 11.43 -8.13 2.88
N SER A 139 10.64 -9.20 2.82
CA SER A 139 11.09 -10.47 2.27
C SER A 139 10.86 -10.65 0.78
N ALA A 140 11.87 -11.18 0.09
CA ALA A 140 11.64 -11.99 -1.09
C ALA A 140 12.86 -12.91 -1.23
N ARG A 141 12.69 -14.24 -1.23
CA ARG A 141 11.46 -14.95 -0.89
C ARG A 141 10.38 -14.70 -1.93
N GLU A 142 10.76 -14.50 -3.18
CA GLU A 142 9.78 -14.04 -4.10
C GLU A 142 8.73 -15.11 -3.96
N ILE A 143 7.51 -14.65 -3.75
CA ILE A 143 6.41 -15.49 -3.22
C ILE A 143 5.31 -15.93 -4.18
N PRO A 144 4.64 -17.04 -3.82
CA PRO A 144 3.55 -17.90 -4.28
C PRO A 144 2.14 -17.37 -3.95
N ILE A 145 1.38 -16.93 -4.96
CA ILE A 145 -0.06 -16.60 -4.84
C ILE A 145 -0.61 -16.58 -6.26
N LEU A 146 -1.84 -17.04 -6.44
CA LEU A 146 -2.54 -16.80 -7.70
C LEU A 146 -2.94 -15.33 -7.74
N SER A 147 -2.23 -14.55 -8.55
CA SER A 147 -2.43 -13.11 -8.61
C SER A 147 -3.90 -12.71 -8.72
N ASP A 148 -4.69 -13.52 -9.42
CA ASP A 148 -6.12 -13.24 -9.55
C ASP A 148 -6.85 -13.23 -8.20
N GLU A 149 -6.50 -14.16 -7.31
CA GLU A 149 -7.15 -14.19 -6.01
C GLU A 149 -6.67 -13.01 -5.16
N LEU A 150 -5.43 -12.59 -5.38
CA LEU A 150 -4.89 -11.46 -4.65
C LEU A 150 -5.62 -10.19 -5.05
N GLN A 151 -5.70 -9.95 -6.36
CA GLN A 151 -6.41 -8.79 -6.89
C GLN A 151 -7.83 -8.70 -6.33
N LEU A 152 -8.52 -9.83 -6.34
CA LEU A 152 -9.90 -9.89 -5.87
C LEU A 152 -9.99 -9.69 -4.37
N LYS A 153 -9.05 -10.30 -3.64
CA LYS A 153 -9.01 -10.13 -2.19
C LYS A 153 -8.75 -8.67 -1.84
N MET A 154 -7.80 -8.04 -2.55
CA MET A 154 -7.49 -6.65 -2.28
C MET A 154 -8.64 -5.72 -2.67
N GLN A 155 -9.26 -5.96 -3.82
CA GLN A 155 -10.44 -5.20 -4.25
C GLN A 155 -11.46 -5.03 -3.13
N LEU A 156 -11.75 -6.13 -2.44
CA LEU A 156 -12.73 -6.11 -1.37
C LEU A 156 -12.18 -5.29 -0.21
N LEU A 157 -10.91 -5.49 0.11
CA LEU A 157 -10.30 -4.82 1.25
C LEU A 157 -10.25 -3.30 1.09
N VAL A 158 -9.91 -2.81 -0.11
CA VAL A 158 -9.85 -1.36 -0.32
C VAL A 158 -11.24 -0.78 -0.13
N ARG A 159 -12.20 -1.44 -0.76
CA ARG A 159 -13.57 -0.96 -0.80
C ARG A 159 -14.17 -0.92 0.60
N GLU A 160 -14.29 -2.09 1.21
CA GLU A 160 -15.04 -2.23 2.45
C GLU A 160 -14.42 -1.48 3.62
N SER A 161 -13.10 -1.37 3.63
CA SER A 161 -12.42 -0.65 4.70
C SER A 161 -12.70 0.85 4.62
N LEU A 162 -12.61 1.41 3.43
CA LEU A 162 -12.84 2.84 3.24
C LEU A 162 -14.32 3.20 3.39
N MET A 163 -15.20 2.28 3.02
CA MET A 163 -16.64 2.51 3.19
C MET A 163 -16.94 2.49 4.69
N ALA A 164 -16.29 1.57 5.40
CA ALA A 164 -16.41 1.50 6.84
C ALA A 164 -15.91 2.79 7.48
N LEU A 165 -14.78 3.30 6.99
CA LEU A 165 -14.21 4.53 7.53
C LEU A 165 -15.13 5.71 7.26
N MET A 166 -15.90 5.64 6.19
CA MET A 166 -16.87 6.70 5.88
C MET A 166 -18.08 6.65 6.79
N ARG A 167 -18.60 5.45 7.07
CA ARG A 167 -19.71 5.34 8.02
C ARG A 167 -19.32 5.95 9.36
N LEU A 168 -18.03 5.86 9.70
CA LEU A 168 -17.52 6.33 10.98
C LEU A 168 -17.03 7.78 10.92
N ASN A 169 -17.20 8.41 9.76
CA ASN A 169 -16.77 9.79 9.57
C ASN A 169 -15.29 9.99 9.93
N ASP A 170 -14.46 9.04 9.54
CA ASP A 170 -13.03 9.15 9.79
C ASP A 170 -12.43 10.25 8.92
N GLU A 171 -11.46 10.96 9.47
CA GLU A 171 -10.92 12.16 8.87
C GLU A 171 -10.11 11.87 7.60
N ILE A 172 -9.59 10.66 7.49
CA ILE A 172 -8.80 10.26 6.32
C ILE A 172 -9.62 10.32 5.03
N VAL A 173 -10.91 10.02 5.14
CA VAL A 173 -11.76 9.84 3.96
C VAL A 173 -12.84 10.91 3.84
N MET A 174 -13.20 11.55 4.94
CA MET A 174 -14.26 12.53 4.86
C MET A 174 -13.67 13.77 4.25
N THR A 175 -14.38 14.34 3.28
CA THR A 175 -13.92 15.52 2.58
C THR A 175 -14.11 16.70 3.52
N PRO A 176 -13.48 17.85 3.18
CA PRO A 176 -13.70 19.04 4.00
C PRO A 176 -15.19 19.20 4.21
N GLU A 177 -15.60 19.35 5.47
CA GLU A 177 -17.02 19.30 5.81
C GLU A 177 -17.80 20.38 5.09
N MET A 178 -18.87 19.95 4.43
CA MET A 178 -19.76 20.85 3.71
C MET A 178 -21.21 20.48 4.01
N ASN A 179 -21.67 20.80 5.20
CA ASN A 179 -23.06 20.56 5.56
C ASN A 179 -23.95 21.72 5.15
N PHE A 180 -24.53 21.58 3.97
CA PHE A 180 -25.40 22.59 3.39
C PHE A 180 -26.85 22.12 3.51
N SER A 181 -27.75 23.07 3.74
CA SER A 181 -29.18 22.79 3.79
C SER A 181 -29.69 22.36 2.43
N LYS A 182 -30.86 21.74 2.38
CA LYS A 182 -31.45 21.35 1.11
C LYS A 182 -31.72 22.59 0.27
N ARG A 183 -32.08 23.70 0.91
CA ARG A 183 -32.23 24.98 0.20
C ARG A 183 -30.90 25.43 -0.38
N GLU A 184 -29.84 25.36 0.41
CA GLU A 184 -28.52 25.82 -0.02
C GLU A 184 -28.04 25.06 -1.26
N LYS A 185 -28.32 23.75 -1.29
CA LYS A 185 -27.90 22.93 -2.42
C LYS A 185 -28.72 23.20 -3.67
N GLU A 186 -29.99 23.59 -3.51
CA GLU A 186 -30.81 23.97 -4.65
C GLU A 186 -30.20 25.17 -5.33
N ILE A 187 -29.75 26.14 -4.54
CA ILE A 187 -29.13 27.35 -5.07
C ILE A 187 -27.82 27.01 -5.76
N LEU A 188 -27.09 26.04 -5.23
CA LEU A 188 -25.83 25.61 -5.84
C LEU A 188 -26.07 24.94 -7.19
N ARG A 189 -27.03 24.02 -7.23
CA ARG A 189 -27.41 23.37 -8.49
C ARG A 189 -27.72 24.35 -9.58
N TRP A 190 -28.35 25.46 -9.21
CA TRP A 190 -28.75 26.48 -10.16
C TRP A 190 -27.58 27.39 -10.51
N THR A 191 -26.70 27.61 -9.54
CA THR A 191 -25.49 28.38 -9.78
C THR A 191 -24.62 27.62 -10.78
N ALA A 192 -24.60 26.30 -10.62
CA ALA A 192 -23.81 25.42 -11.48
C ALA A 192 -24.38 25.34 -12.89
N GLU A 193 -25.65 25.69 -13.06
CA GLU A 193 -26.25 25.75 -14.39
C GLU A 193 -25.94 27.08 -15.07
N GLY A 194 -25.31 27.98 -14.33
CA GLY A 194 -24.88 29.27 -14.86
C GLY A 194 -25.87 30.38 -14.62
N LYS A 195 -26.75 30.19 -13.63
CA LYS A 195 -27.77 31.18 -13.32
C LYS A 195 -27.26 32.24 -12.37
N THR A 196 -27.65 33.49 -12.62
CA THR A 196 -27.33 34.62 -11.76
C THR A 196 -28.24 34.64 -10.54
N SER A 197 -27.84 35.41 -9.53
CA SER A 197 -28.61 35.57 -8.30
C SER A 197 -30.07 35.96 -8.57
N ALA A 198 -30.26 36.85 -9.53
CA ALA A 198 -31.60 37.30 -9.92
C ALA A 198 -32.46 36.16 -10.46
N GLU A 199 -31.89 35.32 -11.32
CA GLU A 199 -32.64 34.25 -11.95
C GLU A 199 -33.00 33.17 -10.95
N ILE A 200 -32.09 32.88 -10.03
CA ILE A 200 -32.34 31.91 -8.98
C ILE A 200 -33.47 32.45 -8.10
N ALA A 201 -33.47 33.76 -7.87
CA ALA A 201 -34.51 34.40 -7.07
C ALA A 201 -35.89 34.19 -7.70
N MET A 202 -35.98 34.35 -9.01
CA MET A 202 -37.25 34.14 -9.70
C MET A 202 -37.67 32.69 -9.65
N ILE A 203 -36.74 31.77 -9.86
CA ILE A 203 -37.05 30.36 -9.98
C ILE A 203 -37.55 29.82 -8.64
N LEU A 204 -36.93 30.25 -7.56
CA LEU A 204 -37.29 29.79 -6.22
C LEU A 204 -38.27 30.75 -5.54
N SER A 205 -38.59 31.85 -6.22
CA SER A 205 -39.51 32.85 -5.69
C SER A 205 -39.13 33.27 -4.27
N ILE A 206 -37.91 33.79 -4.14
CA ILE A 206 -37.43 34.38 -2.91
C ILE A 206 -36.61 35.59 -3.34
N SER A 207 -36.33 36.51 -2.42
CA SER A 207 -35.63 37.73 -2.78
C SER A 207 -34.18 37.45 -3.14
N GLU A 208 -33.64 38.21 -4.09
CA GLU A 208 -32.24 38.09 -4.46
C GLU A 208 -31.34 38.32 -3.24
N ASN A 209 -31.87 39.03 -2.25
CA ASN A 209 -31.13 39.28 -1.02
C ASN A 209 -30.93 38.00 -0.22
N THR A 210 -31.94 37.13 -0.21
CA THR A 210 -31.82 35.86 0.49
C THR A 210 -30.98 34.89 -0.33
N VAL A 211 -31.01 35.03 -1.66
CA VAL A 211 -30.14 34.24 -2.51
C VAL A 211 -28.70 34.54 -2.13
N ASN A 212 -28.41 35.84 -2.06
CA ASN A 212 -27.08 36.32 -1.72
C ASN A 212 -26.64 36.02 -0.30
N PHE A 213 -27.59 35.96 0.64
CA PHE A 213 -27.24 35.68 2.02
C PHE A 213 -26.81 34.23 2.11
N HIS A 214 -27.60 33.36 1.46
CA HIS A 214 -27.28 31.94 1.39
C HIS A 214 -25.94 31.75 0.69
N GLN A 215 -25.74 32.52 -0.38
CA GLN A 215 -24.50 32.46 -1.14
C GLN A 215 -23.30 32.83 -0.28
N LYS A 216 -23.44 33.88 0.52
CA LYS A 216 -22.34 34.35 1.36
C LYS A 216 -22.14 33.42 2.55
N ASN A 217 -23.23 32.86 3.06
CA ASN A 217 -23.16 31.95 4.20
C ASN A 217 -22.46 30.64 3.86
N MET A 218 -22.65 30.14 2.65
CA MET A 218 -21.95 28.93 2.23
C MET A 218 -20.46 29.22 2.10
N GLN A 219 -20.13 30.42 1.62
CA GLN A 219 -18.73 30.84 1.49
C GLN A 219 -18.07 31.07 2.85
N LYS A 220 -18.87 31.44 3.85
CA LYS A 220 -18.36 31.61 5.20
C LYS A 220 -17.78 30.29 5.72
N LYS A 221 -18.61 29.25 5.70
CA LYS A 221 -18.25 27.96 6.31
C LYS A 221 -17.30 27.11 5.47
N ILE A 222 -16.86 27.62 4.33
CA ILE A 222 -15.90 26.93 3.46
C ILE A 222 -14.64 27.77 3.30
N ASN A 223 -14.73 29.05 3.68
CA ASN A 223 -13.67 30.01 3.43
C ASN A 223 -13.39 30.08 1.93
N ALA A 224 -14.40 30.49 1.17
CA ALA A 224 -14.28 30.66 -0.27
C ALA A 224 -14.36 32.14 -0.63
N PRO A 225 -13.64 32.55 -1.69
CA PRO A 225 -13.70 33.95 -2.16
C PRO A 225 -15.06 34.33 -2.70
N ASN A 226 -15.58 33.47 -3.58
CA ASN A 226 -16.78 33.77 -4.35
C ASN A 226 -17.65 32.53 -4.53
N LYS A 227 -18.77 32.69 -5.24
CA LYS A 227 -19.72 31.61 -5.43
C LYS A 227 -19.21 30.55 -6.41
N THR A 228 -18.20 30.90 -7.21
CA THR A 228 -17.68 29.98 -8.22
C THR A 228 -16.98 28.78 -7.58
N GLN A 229 -16.12 29.05 -6.60
CA GLN A 229 -15.36 27.98 -5.94
C GLN A 229 -16.29 27.05 -5.17
N VAL A 230 -17.33 27.62 -4.59
CA VAL A 230 -18.27 26.86 -3.77
C VAL A 230 -19.05 25.89 -4.64
N ALA A 231 -19.48 26.37 -5.81
CA ALA A 231 -20.24 25.55 -6.74
C ALA A 231 -19.40 24.41 -7.32
N CYS A 232 -18.15 24.71 -7.66
CA CYS A 232 -17.27 23.74 -8.29
C CYS A 232 -16.84 22.63 -7.33
N TYR A 233 -16.57 23.01 -6.09
CA TYR A 233 -16.21 22.04 -5.05
C TYR A 233 -17.39 21.10 -4.82
N ALA A 234 -18.60 21.66 -4.82
CA ALA A 234 -19.81 20.89 -4.63
C ALA A 234 -20.00 19.90 -5.77
N ALA A 235 -19.72 20.35 -6.99
CA ALA A 235 -19.87 19.49 -8.16
C ALA A 235 -18.78 18.42 -8.16
N ALA A 236 -17.58 18.80 -7.73
CA ALA A 236 -16.43 17.92 -7.76
C ALA A 236 -16.54 16.77 -6.74
N THR A 237 -17.30 16.97 -5.68
CA THR A 237 -17.44 15.96 -4.62
C THR A 237 -18.75 15.18 -4.72
N GLY A 238 -19.67 15.65 -5.56
CA GLY A 238 -20.93 14.95 -5.74
C GLY A 238 -21.97 15.29 -4.70
N LEU A 239 -21.70 16.35 -3.93
CA LEU A 239 -22.62 16.82 -2.90
C LEU A 239 -24.01 17.11 -3.48
N ILE A 240 -24.04 17.36 -4.78
CA ILE A 240 -25.26 17.75 -5.50
C ILE A 240 -26.05 16.61 -6.13
N HIS A 241 -25.34 15.58 -6.59
CA HIS A 241 -25.97 14.42 -7.20
C HIS A 241 -25.59 13.11 -6.51
N HIS A 242 -25.60 13.15 -5.18
CA HIS A 242 -25.44 11.96 -4.36
C HIS A 242 -26.69 11.10 -4.42
N ASP B 5 12.76 -35.04 15.65
CA ASP B 5 13.63 -35.19 14.50
C ASP B 5 14.51 -33.95 14.34
N PHE B 6 14.96 -33.41 15.46
CA PHE B 6 15.91 -32.30 15.46
C PHE B 6 17.26 -32.85 15.02
N PHE B 7 17.57 -34.03 15.51
CA PHE B 7 18.84 -34.69 15.23
C PHE B 7 19.03 -34.83 13.72
N SER B 8 17.92 -35.03 13.01
CA SER B 8 17.95 -35.11 11.56
C SER B 8 18.24 -33.74 10.94
N TRP B 9 17.66 -32.70 11.52
CA TRP B 9 17.93 -31.34 11.08
C TRP B 9 19.40 -31.06 11.33
N ARG B 10 19.85 -31.42 12.53
CA ARG B 10 21.25 -31.25 12.92
C ARG B 10 22.24 -31.93 11.97
N ARG B 11 22.04 -33.22 11.69
CA ARG B 11 23.01 -33.96 10.88
C ARG B 11 23.04 -33.37 9.47
N THR B 12 21.91 -32.87 9.00
CA THR B 12 21.82 -32.28 7.68
C THR B 12 22.56 -30.94 7.61
N MET B 13 22.28 -30.06 8.57
CA MET B 13 22.95 -28.75 8.63
C MET B 13 24.45 -28.88 8.78
N LEU B 14 24.88 -29.78 9.66
CA LEU B 14 26.30 -30.01 9.89
C LEU B 14 26.99 -30.34 8.58
N LEU B 15 26.37 -31.19 7.77
CA LEU B 15 26.95 -31.55 6.48
C LEU B 15 27.01 -30.37 5.51
N ARG B 16 25.93 -29.59 5.42
CA ARG B 16 25.91 -28.42 4.54
C ARG B 16 27.13 -27.53 4.80
N PHE B 17 27.28 -27.07 6.04
CA PHE B 17 28.33 -26.13 6.40
C PHE B 17 29.75 -26.68 6.18
N GLN B 18 29.94 -27.97 6.40
CA GLN B 18 31.26 -28.58 6.19
C GLN B 18 31.66 -28.52 4.72
N ARG B 19 30.67 -28.57 3.84
CA ARG B 19 30.91 -28.67 2.40
C ARG B 19 30.80 -27.35 1.66
N MET B 20 30.69 -26.24 2.40
CA MET B 20 30.64 -24.92 1.78
C MET B 20 32.01 -24.47 1.30
N GLU B 21 32.02 -23.75 0.17
CA GLU B 21 33.27 -23.35 -0.48
C GLU B 21 33.43 -21.83 -0.58
N THR B 22 32.39 -21.08 -0.24
CA THR B 22 32.40 -19.63 -0.40
C THR B 22 31.80 -18.93 0.81
N ALA B 23 32.24 -17.71 1.07
CA ALA B 23 31.70 -16.92 2.17
C ALA B 23 30.23 -16.59 1.92
N GLU B 24 29.90 -16.21 0.69
CA GLU B 24 28.53 -15.84 0.35
C GLU B 24 27.59 -17.04 0.45
N GLU B 25 28.14 -18.25 0.40
CA GLU B 25 27.34 -19.46 0.56
C GLU B 25 26.95 -19.65 2.02
N VAL B 26 27.87 -19.28 2.91
CA VAL B 26 27.63 -19.37 4.34
C VAL B 26 26.56 -18.35 4.75
N TYR B 27 26.72 -17.11 4.28
CA TYR B 27 25.77 -16.05 4.59
C TYR B 27 24.39 -16.31 3.97
N HIS B 28 24.37 -16.98 2.83
CA HIS B 28 23.12 -17.29 2.15
C HIS B 28 22.31 -18.27 2.99
N GLU B 29 23.00 -19.27 3.52
CA GLU B 29 22.38 -20.30 4.35
C GLU B 29 21.81 -19.72 5.64
N ILE B 30 22.51 -18.77 6.26
CA ILE B 30 21.98 -18.10 7.45
C ILE B 30 20.70 -17.37 7.10
N GLU B 31 20.71 -16.68 5.96
CA GLU B 31 19.54 -15.95 5.49
C GLU B 31 18.36 -16.89 5.30
N LEU B 32 18.62 -18.03 4.67
CA LEU B 32 17.61 -19.06 4.45
C LEU B 32 17.03 -19.57 5.77
N GLN B 33 17.92 -19.87 6.72
CA GLN B 33 17.52 -20.50 7.98
C GLN B 33 16.75 -19.56 8.90
N ALA B 34 17.12 -18.28 8.88
CA ALA B 34 16.43 -17.28 9.69
C ALA B 34 14.98 -17.17 9.24
N GLN B 35 14.78 -17.32 7.93
CA GLN B 35 13.46 -17.26 7.34
C GLN B 35 12.65 -18.50 7.70
N GLN B 36 13.29 -19.66 7.71
CA GLN B 36 12.63 -20.88 8.17
C GLN B 36 12.11 -20.72 9.58
N LEU B 37 12.78 -19.84 10.34
CA LEU B 37 12.41 -19.57 11.72
C LEU B 37 11.57 -18.30 11.83
N GLU B 38 11.02 -17.86 10.70
CA GLU B 38 10.12 -16.71 10.65
C GLU B 38 10.83 -15.42 11.06
N TYR B 39 12.09 -15.28 10.66
CA TYR B 39 12.82 -14.02 10.86
C TYR B 39 13.20 -13.41 9.52
N ASP B 40 13.10 -12.09 9.45
CA ASP B 40 13.35 -11.35 8.22
C ASP B 40 14.84 -11.05 8.06
N TYR B 41 15.43 -10.53 9.13
CA TYR B 41 16.81 -10.07 9.11
C TYR B 41 17.74 -10.90 10.00
N TYR B 42 18.98 -11.04 9.55
CA TYR B 42 20.01 -11.69 10.35
C TYR B 42 21.20 -10.74 10.43
N SER B 43 22.03 -10.91 11.45
CA SER B 43 23.22 -10.10 11.61
C SER B 43 24.29 -10.90 12.33
N LEU B 44 25.45 -11.02 11.69
CA LEU B 44 26.56 -11.79 12.26
C LEU B 44 27.70 -10.85 12.62
N CYS B 45 28.02 -10.79 13.90
CA CYS B 45 28.97 -9.82 14.43
C CYS B 45 30.09 -10.52 15.20
N VAL B 46 31.30 -9.99 15.08
CA VAL B 46 32.47 -10.59 15.72
C VAL B 46 33.35 -9.58 16.45
N ARG B 47 33.57 -9.81 17.75
CA ARG B 47 34.52 -9.01 18.52
C ARG B 47 35.84 -9.74 18.60
N HIS B 48 36.88 -9.10 18.08
CA HIS B 48 38.22 -9.68 18.10
C HIS B 48 38.85 -9.45 19.47
N PRO B 49 39.78 -10.33 19.86
CA PRO B 49 40.43 -10.15 21.16
C PRO B 49 41.51 -9.08 21.13
N VAL B 50 41.93 -8.67 19.93
CA VAL B 50 42.96 -7.64 19.80
C VAL B 50 42.59 -6.64 18.70
N PRO B 51 43.15 -5.42 18.76
CA PRO B 51 43.98 -4.87 19.84
C PRO B 51 43.18 -4.68 21.14
N PHE B 52 43.88 -4.63 22.27
CA PHE B 52 43.22 -4.59 23.57
C PHE B 52 42.49 -3.27 23.83
N THR B 53 43.00 -2.18 23.25
CA THR B 53 42.46 -0.85 23.52
C THR B 53 41.31 -0.46 22.59
N ARG B 54 41.44 -0.78 21.30
CA ARG B 54 40.38 -0.57 20.32
C ARG B 54 40.12 -1.86 19.56
N PRO B 55 39.48 -2.85 20.22
CA PRO B 55 39.29 -4.16 19.59
C PRO B 55 38.52 -4.06 18.29
N LYS B 56 38.91 -4.85 17.29
CA LYS B 56 38.26 -4.79 16.01
C LYS B 56 36.88 -5.43 16.13
N VAL B 57 35.90 -4.80 15.50
CA VAL B 57 34.56 -5.35 15.45
C VAL B 57 34.11 -5.33 14.00
N ALA B 58 33.87 -6.52 13.45
CA ALA B 58 33.41 -6.66 12.08
C ALA B 58 32.07 -7.37 12.08
N PHE B 59 31.24 -7.06 11.08
CA PHE B 59 29.96 -7.72 10.94
C PHE B 59 29.50 -7.79 9.50
N TYR B 60 28.49 -8.63 9.26
CA TYR B 60 27.89 -8.79 7.96
C TYR B 60 26.41 -9.09 8.18
N THR B 61 25.54 -8.30 7.56
CA THR B 61 24.11 -8.40 7.81
C THR B 61 23.30 -7.98 6.60
N ASN B 62 22.07 -8.47 6.53
CA ASN B 62 21.12 -8.02 5.50
C ASN B 62 20.11 -7.02 6.05
N TYR B 63 20.46 -6.37 7.15
CA TYR B 63 19.66 -5.26 7.66
C TYR B 63 19.47 -4.21 6.56
N PRO B 64 18.36 -3.47 6.60
CA PRO B 64 18.18 -2.31 5.71
C PRO B 64 19.35 -1.34 5.77
N GLU B 65 19.87 -0.97 4.61
CA GLU B 65 21.05 -0.12 4.52
C GLU B 65 20.88 1.17 5.31
N ALA B 66 19.65 1.68 5.36
CA ALA B 66 19.35 2.89 6.10
C ALA B 66 19.66 2.73 7.58
N TRP B 67 19.26 1.59 8.14
CA TRP B 67 19.48 1.30 9.56
C TRP B 67 20.96 1.12 9.88
N VAL B 68 21.67 0.40 9.01
CA VAL B 68 23.11 0.20 9.20
C VAL B 68 23.82 1.55 9.27
N SER B 69 23.51 2.44 8.35
CA SER B 69 24.14 3.76 8.32
C SER B 69 23.87 4.53 9.60
N TYR B 70 22.64 4.45 10.09
CA TYR B 70 22.23 5.15 11.31
C TYR B 70 22.94 4.56 12.52
N TYR B 71 22.95 3.22 12.58
CA TYR B 71 23.61 2.49 13.66
C TYR B 71 25.08 2.88 13.78
N GLN B 72 25.76 2.93 12.65
CA GLN B 72 27.18 3.28 12.60
C GLN B 72 27.40 4.73 13.00
N ALA B 73 26.57 5.61 12.43
CA ALA B 73 26.69 7.05 12.63
C ALA B 73 26.57 7.44 14.10
N LYS B 74 25.67 6.79 14.81
CA LYS B 74 25.44 7.08 16.22
C LYS B 74 26.35 6.26 17.13
N ASN B 75 27.22 5.46 16.51
CA ASN B 75 28.18 4.62 17.25
C ASN B 75 27.48 3.73 18.28
N PHE B 76 26.55 2.90 17.82
CA PHE B 76 25.77 2.05 18.71
C PHE B 76 26.55 0.80 19.11
N LEU B 77 27.63 0.53 18.39
CA LEU B 77 28.51 -0.59 18.70
C LEU B 77 29.00 -0.53 20.14
N ALA B 78 29.27 0.70 20.60
CA ALA B 78 29.84 0.93 21.92
C ALA B 78 28.83 0.74 23.05
N ILE B 79 27.55 0.59 22.71
CA ILE B 79 26.50 0.58 23.74
C ILE B 79 25.45 -0.51 23.50
N ASP B 80 25.67 -1.37 22.51
CA ASP B 80 24.69 -2.39 22.19
C ASP B 80 24.75 -3.52 23.24
N PRO B 81 23.67 -3.71 24.01
CA PRO B 81 23.67 -4.80 25.00
C PRO B 81 23.70 -6.18 24.36
N VAL B 82 23.20 -6.25 23.13
CA VAL B 82 23.18 -7.50 22.36
C VAL B 82 24.60 -8.04 22.10
N LEU B 83 25.60 -7.18 22.25
CA LEU B 83 26.99 -7.57 22.02
C LEU B 83 27.76 -7.68 23.33
N ASN B 84 27.02 -7.73 24.43
CA ASN B 84 27.58 -7.89 25.77
C ASN B 84 27.27 -9.27 26.33
N PRO B 85 28.29 -10.13 26.49
CA PRO B 85 28.02 -11.51 26.95
C PRO B 85 27.37 -11.59 28.33
N GLU B 86 27.46 -10.54 29.13
CA GLU B 86 26.89 -10.56 30.48
C GLU B 86 25.38 -10.71 30.50
N ASN B 87 24.72 -10.31 29.42
CA ASN B 87 23.26 -10.31 29.37
C ASN B 87 22.74 -11.66 28.86
N PHE B 88 23.65 -12.56 28.57
CA PHE B 88 23.29 -13.84 27.98
C PHE B 88 23.12 -14.93 29.03
N SER B 89 22.39 -15.97 28.64
CA SER B 89 22.20 -17.16 29.45
C SER B 89 22.13 -18.34 28.50
N GLN B 90 22.97 -19.34 28.76
CA GLN B 90 23.14 -20.48 27.86
C GLN B 90 23.59 -19.99 26.49
N GLY B 91 24.33 -18.88 26.47
CA GLY B 91 24.81 -18.31 25.22
C GLY B 91 23.66 -17.74 24.39
N HIS B 92 22.53 -17.50 25.04
CA HIS B 92 21.31 -17.08 24.34
C HIS B 92 20.69 -15.83 24.95
N LEU B 93 19.97 -15.07 24.13
CA LEU B 93 19.37 -13.82 24.57
C LEU B 93 18.16 -13.42 23.72
N MET B 94 17.01 -13.27 24.39
CA MET B 94 15.79 -12.77 23.77
C MET B 94 15.65 -11.28 24.07
N TRP B 95 15.36 -10.50 23.03
CA TRP B 95 15.25 -9.04 23.19
C TRP B 95 13.96 -8.65 23.90
N ASN B 96 14.09 -7.73 24.85
CA ASN B 96 12.96 -7.17 25.56
C ASN B 96 13.24 -5.72 25.92
N ASP B 97 12.23 -5.01 26.43
CA ASP B 97 12.39 -3.59 26.74
C ASP B 97 13.39 -3.41 27.87
N ASP B 98 13.35 -4.33 28.83
CA ASP B 98 14.21 -4.24 30.02
C ASP B 98 15.68 -4.41 29.65
N LEU B 99 15.93 -5.07 28.52
CA LEU B 99 17.29 -5.27 28.04
C LEU B 99 17.94 -3.95 27.60
N PHE B 100 17.11 -3.06 27.05
CA PHE B 100 17.59 -1.78 26.54
C PHE B 100 17.29 -0.58 27.43
N ASN B 101 17.16 -0.79 28.73
CA ASN B 101 16.90 0.31 29.65
C ASN B 101 18.08 1.28 29.67
N GLU B 102 19.27 0.76 29.34
CA GLU B 102 20.50 1.55 29.34
C GLU B 102 20.95 1.96 27.94
N ALA B 103 20.13 1.65 26.94
CA ALA B 103 20.40 2.06 25.57
C ALA B 103 19.09 2.43 24.89
N GLN B 104 18.32 3.27 25.56
CA GLN B 104 17.01 3.69 25.05
C GLN B 104 17.11 4.35 23.66
N PRO B 105 18.16 5.15 23.42
CA PRO B 105 18.32 5.70 22.07
C PRO B 105 18.43 4.61 20.99
N LEU B 106 19.13 3.52 21.29
CA LEU B 106 19.25 2.42 20.34
C LEU B 106 17.90 1.73 20.13
N TRP B 107 17.25 1.41 21.25
CA TRP B 107 15.99 0.68 21.21
C TRP B 107 14.93 1.49 20.46
N GLU B 108 14.88 2.78 20.75
CA GLU B 108 13.92 3.66 20.11
C GLU B 108 14.24 3.80 18.62
N ALA B 109 15.53 3.91 18.31
CA ALA B 109 15.98 4.01 16.92
C ALA B 109 15.78 2.70 16.16
N ALA B 110 15.96 1.58 16.86
CA ALA B 110 15.80 0.27 16.24
C ALA B 110 14.34 0.01 15.87
N ARG B 111 13.43 0.29 16.81
CA ARG B 111 12.00 0.14 16.56
C ARG B 111 11.53 1.02 15.41
N ALA B 112 12.08 2.22 15.33
CA ALA B 112 11.68 3.20 14.33
C ALA B 112 11.97 2.69 12.93
N HIS B 113 12.98 1.85 12.81
CA HIS B 113 13.36 1.31 11.50
C HIS B 113 12.73 -0.05 11.25
N GLY B 114 11.96 -0.54 12.23
CA GLY B 114 11.11 -1.69 12.03
C GLY B 114 11.58 -2.97 12.66
N LEU B 115 12.53 -2.90 13.59
CA LEU B 115 13.00 -4.10 14.28
C LEU B 115 12.25 -4.21 15.60
N ARG B 116 11.17 -4.98 15.60
CA ARG B 116 10.28 -5.04 16.76
C ARG B 116 10.69 -6.17 17.71
N ARG B 117 10.97 -7.34 17.14
CA ARG B 117 11.36 -8.50 17.95
C ARG B 117 12.65 -9.09 17.39
N GLY B 118 13.49 -9.60 18.27
CA GLY B 118 14.72 -10.23 17.86
C GLY B 118 15.30 -11.14 18.93
N VAL B 119 16.39 -11.80 18.58
CA VAL B 119 17.02 -12.77 19.45
C VAL B 119 18.50 -12.90 19.08
N THR B 120 19.34 -13.17 20.06
CA THR B 120 20.77 -13.27 19.82
C THR B 120 21.39 -14.49 20.50
N GLN B 121 22.27 -15.14 19.75
CA GLN B 121 23.02 -16.30 20.20
C GLN B 121 24.49 -15.98 20.00
N TYR B 122 25.34 -16.40 20.94
CA TYR B 122 26.77 -16.13 20.84
C TYR B 122 27.62 -17.29 21.34
N LEU B 123 28.88 -17.32 20.90
CA LEU B 123 29.86 -18.22 21.47
C LEU B 123 31.24 -17.59 21.35
N MET B 124 32.21 -18.23 22.00
CA MET B 124 33.61 -17.83 21.89
C MET B 124 34.34 -18.77 20.94
N LEU B 125 35.14 -18.20 20.05
CA LEU B 125 35.85 -18.97 19.05
C LEU B 125 37.21 -19.40 19.57
N PRO B 126 37.86 -20.36 18.88
CA PRO B 126 39.18 -20.85 19.31
C PRO B 126 40.25 -19.77 19.36
N ASN B 127 40.12 -18.71 18.56
CA ASN B 127 41.04 -17.58 18.64
C ASN B 127 40.52 -16.52 19.62
N ARG B 128 39.60 -16.94 20.48
CA ARG B 128 39.04 -16.09 21.54
C ARG B 128 38.17 -14.95 21.02
N ALA B 129 37.86 -14.94 19.73
CA ALA B 129 36.95 -13.93 19.20
C ALA B 129 35.52 -14.31 19.56
N LEU B 130 34.72 -13.31 19.89
CA LEU B 130 33.32 -13.53 20.26
C LEU B 130 32.42 -13.33 19.05
N GLY B 131 31.65 -14.37 18.73
CA GLY B 131 30.75 -14.32 17.59
C GLY B 131 29.30 -14.21 18.03
N PHE B 132 28.56 -13.31 17.40
CA PHE B 132 27.16 -13.08 17.76
C PHE B 132 26.27 -13.21 16.53
N LEU B 133 25.30 -14.12 16.59
CA LEU B 133 24.28 -14.22 15.55
C LEU B 133 22.99 -13.63 16.07
N SER B 134 22.50 -12.60 15.40
CA SER B 134 21.24 -11.99 15.76
C SER B 134 20.21 -12.17 14.65
N PHE B 135 19.00 -12.53 15.05
CA PHE B 135 17.85 -12.58 14.15
C PHE B 135 16.83 -11.55 14.63
N SER B 136 16.11 -10.95 13.68
CA SER B 136 15.02 -10.06 14.04
C SER B 136 13.92 -10.12 13.00
N ARG B 137 12.70 -9.88 13.45
CA ARG B 137 11.53 -9.89 12.59
C ARG B 137 10.77 -8.59 12.84
N CYS B 138 10.08 -8.10 11.82
CA CYS B 138 9.32 -6.87 11.93
C CYS B 138 7.84 -7.17 12.18
N SER B 139 7.54 -7.72 13.37
CA SER B 139 6.16 -7.82 13.82
C SER B 139 6.06 -8.05 15.33
N ALA B 140 5.18 -7.30 15.97
CA ALA B 140 4.82 -7.58 17.36
C ALA B 140 4.13 -8.93 17.48
N ARG B 141 4.63 -9.78 18.38
CA ARG B 141 4.28 -11.21 18.37
C ARG B 141 4.65 -11.86 17.03
N GLU B 142 3.71 -12.59 16.44
CA GLU B 142 4.01 -13.78 15.63
C GLU B 142 4.25 -15.03 16.49
N ILE B 143 4.63 -16.13 15.84
CA ILE B 143 3.85 -17.37 15.89
C ILE B 143 4.75 -18.57 16.17
N PRO B 144 4.20 -19.56 16.87
CA PRO B 144 4.99 -20.35 17.82
C PRO B 144 6.18 -21.22 17.40
N ILE B 145 7.34 -20.89 17.95
CA ILE B 145 8.52 -21.74 17.87
C ILE B 145 8.78 -22.21 19.31
N LEU B 146 9.18 -23.47 19.46
CA LEU B 146 9.62 -23.97 20.76
C LEU B 146 10.94 -23.31 21.14
N SER B 147 10.89 -22.40 22.10
CA SER B 147 12.06 -21.63 22.53
C SER B 147 13.28 -22.52 22.75
N ASP B 148 13.07 -23.73 23.27
CA ASP B 148 14.16 -24.69 23.40
C ASP B 148 14.71 -25.10 22.04
N GLU B 149 13.82 -25.27 21.06
CA GLU B 149 14.24 -25.66 19.71
C GLU B 149 14.98 -24.55 18.99
N LEU B 150 14.60 -23.29 19.26
CA LEU B 150 15.25 -22.15 18.65
C LEU B 150 16.68 -22.00 19.13
N GLN B 151 16.86 -22.02 20.46
CA GLN B 151 18.18 -21.92 21.06
C GLN B 151 19.15 -22.94 20.49
N LEU B 152 18.71 -24.18 20.39
CA LEU B 152 19.57 -25.25 19.90
C LEU B 152 19.85 -25.06 18.42
N LYS B 153 18.84 -24.63 17.66
CA LYS B 153 19.04 -24.34 16.25
C LYS B 153 20.02 -23.18 16.07
N MET B 154 19.85 -22.12 16.85
CA MET B 154 20.75 -20.98 16.74
C MET B 154 22.14 -21.39 17.21
N GLN B 155 22.19 -22.13 18.32
CA GLN B 155 23.45 -22.65 18.85
C GLN B 155 24.33 -23.28 17.77
N LEU B 156 23.74 -24.12 16.92
CA LEU B 156 24.50 -24.77 15.86
C LEU B 156 24.88 -23.74 14.79
N LEU B 157 23.92 -22.88 14.45
CA LEU B 157 24.11 -21.91 13.39
C LEU B 157 25.23 -20.91 13.67
N VAL B 158 25.35 -20.45 14.91
CA VAL B 158 26.43 -19.51 15.24
C VAL B 158 27.75 -20.22 14.99
N ARG B 159 27.86 -21.43 15.52
CA ARG B 159 29.10 -22.19 15.48
C ARG B 159 29.48 -22.57 14.05
N GLU B 160 28.61 -23.32 13.37
CA GLU B 160 28.97 -23.94 12.11
C GLU B 160 29.26 -22.90 11.04
N SER B 161 28.57 -21.76 11.11
CA SER B 161 28.79 -20.67 10.16
C SER B 161 30.14 -19.99 10.37
N LEU B 162 30.49 -19.70 11.63
CA LEU B 162 31.75 -19.05 11.95
C LEU B 162 32.95 -19.97 11.75
N MET B 163 32.76 -21.26 12.01
CA MET B 163 33.83 -22.23 11.80
C MET B 163 34.12 -22.36 10.31
N ALA B 164 33.05 -22.35 9.51
CA ALA B 164 33.18 -22.38 8.07
C ALA B 164 33.98 -21.18 7.59
N LEU B 165 33.67 -20.01 8.14
CA LEU B 165 34.32 -18.77 7.76
C LEU B 165 35.80 -18.77 8.13
N MET B 166 36.15 -19.52 9.18
CA MET B 166 37.54 -19.60 9.62
C MET B 166 38.33 -20.47 8.67
N ARG B 167 37.73 -21.60 8.26
CA ARG B 167 38.31 -22.48 7.27
C ARG B 167 38.62 -21.73 5.98
N LEU B 168 37.83 -20.70 5.69
CA LEU B 168 37.97 -19.91 4.48
C LEU B 168 38.85 -18.68 4.68
N ASN B 169 39.39 -18.51 5.88
CA ASN B 169 40.23 -17.36 6.21
C ASN B 169 39.56 -16.01 5.89
N ASP B 170 38.25 -15.91 6.17
CA ASP B 170 37.54 -14.65 5.97
C ASP B 170 37.98 -13.67 7.06
N GLU B 171 38.16 -12.41 6.69
CA GLU B 171 38.73 -11.42 7.60
C GLU B 171 37.81 -11.05 8.75
N ILE B 172 36.50 -11.29 8.57
CA ILE B 172 35.52 -10.99 9.60
C ILE B 172 35.86 -11.73 10.90
N VAL B 173 36.44 -12.92 10.77
CA VAL B 173 36.64 -13.82 11.90
C VAL B 173 38.11 -14.08 12.24
N MET B 174 39.01 -13.86 11.28
CA MET B 174 40.42 -14.17 11.47
C MET B 174 41.24 -13.12 12.25
N THR B 175 42.05 -13.60 13.18
CA THR B 175 42.97 -12.77 13.95
C THR B 175 44.23 -12.49 13.14
N PRO B 176 45.06 -11.51 13.59
CA PRO B 176 46.31 -11.21 12.88
C PRO B 176 47.16 -12.44 12.60
N GLU B 177 47.55 -12.64 11.35
CA GLU B 177 48.33 -13.82 10.97
C GLU B 177 49.67 -13.80 11.67
N MET B 178 50.02 -14.92 12.30
CA MET B 178 51.27 -15.08 13.03
C MET B 178 51.88 -16.43 12.69
N ASN B 179 52.53 -16.52 11.52
CA ASN B 179 53.16 -17.76 11.12
C ASN B 179 54.53 -17.88 11.77
N PHE B 180 54.54 -18.46 12.96
CA PHE B 180 55.75 -18.62 13.76
C PHE B 180 56.19 -20.08 13.84
N SER B 181 57.50 -20.31 13.83
CA SER B 181 58.07 -21.62 14.03
C SER B 181 57.91 -22.08 15.49
N LYS B 182 58.07 -23.39 15.74
CA LYS B 182 58.01 -23.89 17.11
C LYS B 182 59.11 -23.32 17.99
N ARG B 183 60.28 -23.06 17.41
CA ARG B 183 61.37 -22.42 18.16
C ARG B 183 60.92 -21.04 18.59
N GLU B 184 60.27 -20.32 17.68
CA GLU B 184 59.80 -18.98 17.99
C GLU B 184 58.71 -18.99 19.07
N LYS B 185 57.81 -19.96 19.02
CA LYS B 185 56.72 -20.06 20.00
C LYS B 185 57.28 -20.54 21.33
N GLU B 186 58.36 -21.32 21.27
CA GLU B 186 59.08 -21.80 22.44
C GLU B 186 59.61 -20.59 23.22
N ILE B 187 60.16 -19.65 22.47
CA ILE B 187 60.73 -18.43 23.03
C ILE B 187 59.65 -17.51 23.61
N LEU B 188 58.49 -17.46 22.97
CA LEU B 188 57.39 -16.65 23.47
C LEU B 188 56.82 -17.16 24.79
N ARG B 189 56.58 -18.47 24.85
CA ARG B 189 56.05 -19.11 26.05
C ARG B 189 56.88 -18.74 27.27
N TRP B 190 58.19 -18.62 27.10
CA TRP B 190 59.10 -18.27 28.20
C TRP B 190 59.13 -16.77 28.44
N THR B 191 58.98 -16.01 27.36
CA THR B 191 58.92 -14.56 27.44
C THR B 191 57.69 -14.16 28.25
N ALA B 192 56.60 -14.89 28.02
CA ALA B 192 55.34 -14.65 28.70
C ALA B 192 55.43 -15.01 30.18
N GLU B 193 56.42 -15.82 30.54
CA GLU B 193 56.66 -16.16 31.94
C GLU B 193 57.51 -15.11 32.65
N GLY B 194 58.00 -14.13 31.89
CA GLY B 194 58.76 -13.02 32.46
C GLY B 194 60.26 -13.24 32.42
N LYS B 195 60.71 -14.11 31.53
CA LYS B 195 62.13 -14.44 31.42
C LYS B 195 62.87 -13.46 30.52
N THR B 196 64.10 -13.14 30.89
CA THR B 196 64.97 -12.30 30.08
C THR B 196 65.50 -13.10 28.89
N SER B 197 65.92 -12.41 27.85
CA SER B 197 66.52 -13.05 26.68
C SER B 197 67.69 -13.93 27.09
N ALA B 198 68.46 -13.45 28.05
CA ALA B 198 69.60 -14.17 28.60
C ALA B 198 69.17 -15.49 29.24
N GLU B 199 68.09 -15.44 30.01
CA GLU B 199 67.62 -16.62 30.73
C GLU B 199 67.04 -17.66 29.78
N ILE B 200 66.35 -17.22 28.74
CA ILE B 200 65.83 -18.14 27.73
C ILE B 200 66.99 -18.80 27.00
N ALA B 201 68.06 -18.05 26.77
CA ALA B 201 69.26 -18.58 26.13
C ALA B 201 69.80 -19.74 26.97
N MET B 202 69.78 -19.57 28.29
CA MET B 202 70.24 -20.58 29.23
C MET B 202 69.38 -21.83 29.15
N ILE B 203 68.07 -21.61 29.14
CA ILE B 203 67.08 -22.67 29.22
C ILE B 203 67.03 -23.50 27.96
N LEU B 204 67.16 -22.84 26.82
CA LEU B 204 67.06 -23.50 25.53
C LEU B 204 68.42 -23.95 25.00
N SER B 205 69.46 -23.62 25.75
CA SER B 205 70.84 -23.93 25.37
C SER B 205 71.12 -23.43 23.95
N ILE B 206 70.92 -22.13 23.76
CA ILE B 206 71.24 -21.47 22.50
C ILE B 206 71.83 -20.11 22.81
N SER B 207 72.44 -19.47 21.81
CA SER B 207 73.05 -18.17 22.03
C SER B 207 71.97 -17.13 22.28
N GLU B 208 72.24 -16.21 23.19
CA GLU B 208 71.33 -15.11 23.46
C GLU B 208 71.13 -14.28 22.19
N ASN B 209 72.12 -14.35 21.31
CA ASN B 209 72.08 -13.65 20.03
C ASN B 209 71.02 -14.25 19.11
N THR B 210 70.87 -15.57 19.15
CA THR B 210 69.89 -16.26 18.34
C THR B 210 68.49 -16.07 18.90
N VAL B 211 68.40 -15.95 20.22
CA VAL B 211 67.13 -15.67 20.88
C VAL B 211 66.58 -14.32 20.42
N ASN B 212 67.40 -13.28 20.46
CA ASN B 212 66.99 -11.95 20.03
C ASN B 212 66.69 -11.89 18.54
N PHE B 213 67.33 -12.75 17.76
CA PHE B 213 67.09 -12.78 16.33
C PHE B 213 65.67 -13.24 16.05
N HIS B 214 65.26 -14.31 16.73
CA HIS B 214 63.89 -14.78 16.64
C HIS B 214 62.93 -13.73 17.19
N GLN B 215 63.32 -13.08 18.29
CA GLN B 215 62.51 -12.03 18.90
C GLN B 215 62.21 -10.91 17.92
N LYS B 216 63.24 -10.50 17.18
CA LYS B 216 63.13 -9.37 16.26
C LYS B 216 62.36 -9.73 14.99
N ASN B 217 62.48 -10.98 14.55
CA ASN B 217 61.79 -11.42 13.35
C ASN B 217 60.28 -11.45 13.54
N MET B 218 59.86 -11.78 14.75
CA MET B 218 58.45 -11.84 15.10
C MET B 218 57.83 -10.46 15.05
N GLN B 219 58.60 -9.47 15.49
CA GLN B 219 58.16 -8.08 15.48
C GLN B 219 58.11 -7.50 14.05
N LYS B 220 58.99 -7.99 13.18
CA LYS B 220 58.99 -7.58 11.79
C LYS B 220 57.69 -7.97 11.09
N LYS B 221 57.38 -9.26 11.12
CA LYS B 221 56.26 -9.83 10.37
C LYS B 221 54.91 -9.54 11.05
N ILE B 222 54.93 -8.79 12.14
CA ILE B 222 53.73 -8.36 12.85
C ILE B 222 53.65 -6.84 12.91
N ASN B 223 54.76 -6.18 12.61
CA ASN B 223 54.86 -4.74 12.80
C ASN B 223 54.52 -4.42 14.24
N ALA B 224 55.29 -4.99 15.16
CA ALA B 224 55.13 -4.72 16.58
C ALA B 224 56.33 -3.94 17.08
N PRO B 225 56.11 -3.06 18.06
CA PRO B 225 57.23 -2.29 18.62
C PRO B 225 58.24 -3.17 19.36
N ASN B 226 57.74 -4.02 20.25
CA ASN B 226 58.59 -4.78 21.16
C ASN B 226 58.07 -6.20 21.40
N LYS B 227 58.79 -6.94 22.23
CA LYS B 227 58.47 -8.34 22.50
C LYS B 227 57.24 -8.49 23.40
N THR B 228 56.89 -7.43 24.12
CA THR B 228 55.76 -7.49 25.04
C THR B 228 54.46 -7.63 24.26
N GLN B 229 54.29 -6.83 23.22
CA GLN B 229 53.06 -6.86 22.43
C GLN B 229 52.90 -8.20 21.73
N VAL B 230 54.01 -8.77 21.29
CA VAL B 230 53.97 -10.02 20.54
C VAL B 230 53.52 -11.16 21.46
N ALA B 231 54.05 -11.17 22.68
CA ALA B 231 53.70 -12.19 23.66
C ALA B 231 52.24 -12.10 24.05
N CYS B 232 51.76 -10.87 24.25
CA CYS B 232 50.38 -10.65 24.68
C CYS B 232 49.39 -10.99 23.58
N TYR B 233 49.72 -10.62 22.35
CA TYR B 233 48.88 -10.98 21.20
C TYR B 233 48.84 -12.49 21.04
N ALA B 234 49.98 -13.14 21.23
CA ALA B 234 50.06 -14.59 21.14
C ALA B 234 49.23 -15.25 22.25
N ALA B 235 49.31 -14.68 23.44
CA ALA B 235 48.59 -15.23 24.59
C ALA B 235 47.10 -14.97 24.49
N ALA B 236 46.74 -13.78 24.00
CA ALA B 236 45.34 -13.36 23.94
C ALA B 236 44.56 -14.17 22.90
N THR B 237 45.26 -14.71 21.91
CA THR B 237 44.62 -15.48 20.85
C THR B 237 44.80 -16.98 21.04
N GLY B 238 45.65 -17.36 21.98
CA GLY B 238 45.88 -18.76 22.29
C GLY B 238 46.90 -19.43 21.40
N LEU B 239 47.67 -18.65 20.66
CA LEU B 239 48.70 -19.21 19.81
C LEU B 239 49.72 -20.02 20.61
N ILE B 240 49.97 -19.60 21.85
CA ILE B 240 50.96 -20.29 22.68
C ILE B 240 50.26 -21.25 23.66
N HIS B 241 49.15 -21.82 23.21
CA HIS B 241 48.48 -22.94 23.85
C HIS B 241 47.23 -23.30 23.02
N GLN C 2 -14.66 -24.69 -8.94
CA GLN C 2 -15.51 -23.62 -9.41
C GLN C 2 -14.95 -22.28 -8.93
N ASP C 3 -14.01 -22.32 -7.98
CA ASP C 3 -13.27 -21.13 -7.59
C ASP C 3 -12.37 -20.69 -8.75
N THR C 4 -11.83 -21.68 -9.48
CA THR C 4 -10.88 -21.39 -10.55
C THR C 4 -11.56 -21.00 -11.86
N ASP C 5 -12.68 -21.65 -12.20
CA ASP C 5 -13.31 -21.38 -13.49
C ASP C 5 -14.02 -20.03 -13.49
N PHE C 6 -14.14 -19.42 -12.32
CA PHE C 6 -14.64 -18.05 -12.26
C PHE C 6 -13.52 -17.10 -12.66
N PHE C 7 -12.33 -17.34 -12.09
CA PHE C 7 -11.18 -16.48 -12.39
C PHE C 7 -10.87 -16.47 -13.88
N SER C 8 -11.01 -17.61 -14.53
CA SER C 8 -10.82 -17.69 -15.97
C SER C 8 -12.00 -17.08 -16.68
N TRP C 9 -13.19 -17.23 -16.11
CA TRP C 9 -14.35 -16.63 -16.73
C TRP C 9 -14.07 -15.15 -16.77
N ARG C 10 -13.62 -14.59 -15.64
CA ARG C 10 -13.25 -13.18 -15.57
C ARG C 10 -12.30 -12.78 -16.70
N ARG C 11 -11.23 -13.55 -16.87
CA ARG C 11 -10.21 -13.22 -17.85
C ARG C 11 -10.72 -13.26 -19.30
N THR C 12 -11.63 -14.17 -19.61
CA THR C 12 -12.21 -14.19 -20.96
C THR C 12 -13.07 -12.97 -21.12
N MET C 13 -13.90 -12.75 -20.11
CA MET C 13 -14.85 -11.67 -20.13
C MET C 13 -14.14 -10.34 -20.29
N LEU C 14 -13.08 -10.13 -19.52
CA LEU C 14 -12.31 -8.90 -19.65
C LEU C 14 -11.76 -8.75 -21.05
N LEU C 15 -11.23 -9.84 -21.59
CA LEU C 15 -10.68 -9.83 -22.93
C LEU C 15 -11.76 -9.63 -23.98
N ARG C 16 -12.90 -10.31 -23.82
CA ARG C 16 -14.01 -10.12 -24.76
C ARG C 16 -14.35 -8.63 -24.81
N PHE C 17 -14.73 -8.09 -23.65
CA PHE C 17 -15.21 -6.70 -23.54
C PHE C 17 -14.16 -5.67 -23.95
N GLN C 18 -12.90 -5.95 -23.65
CA GLN C 18 -11.83 -5.00 -23.98
C GLN C 18 -11.66 -4.83 -25.49
N ARG C 19 -11.86 -5.92 -26.23
CA ARG C 19 -11.61 -5.92 -27.67
C ARG C 19 -12.90 -5.89 -28.50
N MET C 20 -14.03 -5.63 -27.86
CA MET C 20 -15.29 -5.49 -28.61
C MET C 20 -15.21 -4.18 -29.38
N GLU C 21 -15.75 -4.17 -30.59
CA GLU C 21 -15.62 -3.02 -31.48
C GLU C 21 -16.99 -2.41 -31.83
N THR C 22 -18.06 -3.04 -31.37
CA THR C 22 -19.41 -2.58 -31.68
C THR C 22 -20.22 -2.52 -30.38
N ALA C 23 -21.14 -1.57 -30.31
CA ALA C 23 -22.02 -1.44 -29.16
C ALA C 23 -22.98 -2.63 -29.09
N GLU C 24 -23.48 -3.02 -30.24
CA GLU C 24 -24.45 -4.12 -30.34
C GLU C 24 -23.85 -5.43 -29.86
N GLU C 25 -22.52 -5.52 -29.86
CA GLU C 25 -21.81 -6.71 -29.39
C GLU C 25 -21.85 -6.77 -27.87
N VAL C 26 -21.80 -5.62 -27.22
CA VAL C 26 -21.82 -5.56 -25.76
C VAL C 26 -23.18 -6.03 -25.24
N TYR C 27 -24.23 -5.47 -25.80
CA TYR C 27 -25.60 -5.81 -25.39
C TYR C 27 -25.88 -7.25 -25.72
N HIS C 28 -25.22 -7.76 -26.75
CA HIS C 28 -25.39 -9.13 -27.14
C HIS C 28 -24.86 -9.96 -26.00
N GLU C 29 -23.64 -9.66 -25.57
CA GLU C 29 -23.00 -10.41 -24.49
C GLU C 29 -23.77 -10.30 -23.16
N ILE C 30 -24.35 -9.14 -22.87
CA ILE C 30 -25.17 -8.99 -21.68
C ILE C 30 -26.33 -9.98 -21.76
N GLU C 31 -26.96 -10.02 -22.93
CA GLU C 31 -28.07 -10.91 -23.19
C GLU C 31 -27.67 -12.37 -23.07
N LEU C 32 -26.50 -12.73 -23.62
CA LEU C 32 -26.07 -14.12 -23.57
C LEU C 32 -25.94 -14.53 -22.11
N GLN C 33 -25.29 -13.68 -21.32
CA GLN C 33 -25.00 -14.00 -19.93
C GLN C 33 -26.25 -14.01 -19.05
N ALA C 34 -27.18 -13.12 -19.35
CA ALA C 34 -28.43 -13.05 -18.63
C ALA C 34 -29.21 -14.35 -18.80
N GLN C 35 -29.10 -14.93 -20.00
CA GLN C 35 -29.77 -16.19 -20.30
C GLN C 35 -29.10 -17.38 -19.63
N GLN C 36 -27.78 -17.40 -19.64
CA GLN C 36 -27.01 -18.46 -18.98
C GLN C 36 -27.39 -18.55 -17.51
N LEU C 37 -27.83 -17.42 -16.97
CA LEU C 37 -28.23 -17.31 -15.56
C LEU C 37 -29.73 -17.45 -15.34
N GLU C 38 -30.44 -17.95 -16.35
CA GLU C 38 -31.88 -18.23 -16.25
C GLU C 38 -32.71 -16.96 -16.01
N TYR C 39 -32.32 -15.86 -16.63
CA TYR C 39 -33.16 -14.66 -16.61
C TYR C 39 -33.56 -14.37 -18.05
N ASP C 40 -34.83 -13.97 -18.22
CA ASP C 40 -35.39 -13.74 -19.53
C ASP C 40 -35.08 -12.32 -20.00
N TYR C 41 -35.30 -11.36 -19.11
CA TYR C 41 -35.16 -9.96 -19.46
C TYR C 41 -33.99 -9.32 -18.74
N TYR C 42 -33.30 -8.43 -19.45
CA TYR C 42 -32.21 -7.64 -18.89
C TYR C 42 -32.45 -6.17 -19.16
N SER C 43 -31.85 -5.32 -18.36
CA SER C 43 -31.99 -3.88 -18.53
C SER C 43 -30.75 -3.14 -18.04
N LEU C 44 -30.15 -2.36 -18.94
CA LEU C 44 -28.95 -1.59 -18.62
C LEU C 44 -29.27 -0.11 -18.63
N CYS C 45 -29.12 0.52 -17.46
CA CYS C 45 -29.56 1.88 -17.24
C CYS C 45 -28.42 2.75 -16.71
N VAL C 46 -28.36 4.00 -17.16
CA VAL C 46 -27.31 4.93 -16.76
C VAL C 46 -27.85 6.31 -16.40
N ARG C 47 -27.51 6.75 -15.18
CA ARG C 47 -27.85 8.09 -14.71
C ARG C 47 -26.65 9.02 -14.89
N HIS C 48 -26.81 10.08 -15.68
CA HIS C 48 -25.71 11.02 -15.87
C HIS C 48 -25.62 12.02 -14.72
N PRO C 49 -24.41 12.56 -14.50
CA PRO C 49 -24.19 13.55 -13.44
C PRO C 49 -24.69 14.94 -13.83
N VAL C 50 -24.96 15.15 -15.11
CA VAL C 50 -25.44 16.45 -15.60
C VAL C 50 -26.60 16.28 -16.59
N PRO C 51 -27.42 17.33 -16.79
CA PRO C 51 -27.38 18.62 -16.07
C PRO C 51 -27.71 18.45 -14.59
N PHE C 52 -27.28 19.41 -13.78
CA PHE C 52 -27.42 19.30 -12.33
C PHE C 52 -28.89 19.33 -11.92
N THR C 53 -29.71 20.01 -12.71
CA THR C 53 -31.11 20.21 -12.35
C THR C 53 -32.03 19.07 -12.79
N ARG C 54 -31.89 18.62 -14.04
CA ARG C 54 -32.63 17.45 -14.50
C ARG C 54 -31.71 16.50 -15.27
N PRO C 55 -30.81 15.78 -14.56
CA PRO C 55 -29.83 14.93 -15.23
C PRO C 55 -30.45 13.87 -16.13
N LYS C 56 -29.80 13.62 -17.26
CA LYS C 56 -30.31 12.70 -18.27
C LYS C 56 -30.18 11.24 -17.85
N VAL C 57 -31.16 10.46 -18.24
CA VAL C 57 -31.16 9.02 -17.98
C VAL C 57 -31.39 8.27 -19.29
N ALA C 58 -30.43 7.42 -19.63
CA ALA C 58 -30.49 6.62 -20.84
C ALA C 58 -30.55 5.16 -20.44
N PHE C 59 -31.18 4.34 -21.27
CA PHE C 59 -31.33 2.93 -20.97
C PHE C 59 -31.39 2.06 -22.21
N TYR C 60 -31.21 0.76 -22.01
CA TYR C 60 -31.33 -0.22 -23.08
C TYR C 60 -31.81 -1.53 -22.47
N THR C 61 -32.90 -2.08 -23.01
CA THR C 61 -33.48 -3.29 -22.44
C THR C 61 -34.21 -4.13 -23.47
N ASN C 62 -34.34 -5.43 -23.18
CA ASN C 62 -35.17 -6.33 -23.96
C ASN C 62 -36.47 -6.62 -23.23
N TYR C 63 -36.85 -5.73 -22.31
CA TYR C 63 -38.15 -5.81 -21.64
C TYR C 63 -39.29 -5.87 -22.64
N PRO C 64 -40.40 -6.53 -22.26
CA PRO C 64 -41.59 -6.41 -23.11
C PRO C 64 -41.92 -4.94 -23.29
N GLU C 65 -42.01 -4.54 -24.55
CA GLU C 65 -42.19 -3.15 -24.90
C GLU C 65 -43.48 -2.56 -24.33
N ALA C 66 -44.46 -3.41 -24.09
CA ALA C 66 -45.71 -3.00 -23.47
C ALA C 66 -45.44 -2.38 -22.10
N TRP C 67 -44.58 -3.05 -21.33
CA TRP C 67 -44.19 -2.59 -20.02
C TRP C 67 -43.32 -1.32 -20.12
N VAL C 68 -42.39 -1.29 -21.06
CA VAL C 68 -41.55 -0.11 -21.26
C VAL C 68 -42.40 1.12 -21.51
N SER C 69 -43.35 1.00 -22.44
CA SER C 69 -44.26 2.08 -22.75
C SER C 69 -45.07 2.44 -21.51
N TYR C 70 -45.47 1.42 -20.77
CA TYR C 70 -46.25 1.60 -19.55
C TYR C 70 -45.40 2.30 -18.48
N TYR C 71 -44.18 1.80 -18.31
CA TYR C 71 -43.24 2.31 -17.33
C TYR C 71 -42.96 3.80 -17.54
N GLN C 72 -42.73 4.20 -18.78
CA GLN C 72 -42.50 5.60 -19.09
C GLN C 72 -43.76 6.44 -18.91
N ALA C 73 -44.90 5.95 -19.41
CA ALA C 73 -46.15 6.69 -19.35
C ALA C 73 -46.53 7.04 -17.92
N LYS C 74 -46.28 6.12 -16.98
CA LYS C 74 -46.59 6.33 -15.57
C LYS C 74 -45.45 7.01 -14.82
N ASN C 75 -44.38 7.34 -15.54
CA ASN C 75 -43.22 8.02 -14.94
C ASN C 75 -42.67 7.26 -13.73
N PHE C 76 -42.32 5.99 -13.93
CA PHE C 76 -41.83 5.14 -12.85
C PHE C 76 -40.36 5.34 -12.51
N LEU C 77 -39.61 5.96 -13.42
CA LEU C 77 -38.20 6.27 -13.17
C LEU C 77 -38.01 7.09 -11.90
N ALA C 78 -38.96 7.99 -11.64
CA ALA C 78 -38.84 8.94 -10.54
C ALA C 78 -38.99 8.30 -9.16
N ILE C 79 -39.43 7.05 -9.12
CA ILE C 79 -39.74 6.38 -7.85
C ILE C 79 -39.26 4.94 -7.79
N ASP C 80 -38.47 4.53 -8.78
CA ASP C 80 -37.97 3.15 -8.82
C ASP C 80 -36.87 2.99 -7.78
N PRO C 81 -37.07 2.12 -6.76
CA PRO C 81 -36.02 1.96 -5.75
C PRO C 81 -34.76 1.32 -6.34
N VAL C 82 -34.97 0.54 -7.40
CA VAL C 82 -33.91 -0.19 -8.08
C VAL C 82 -32.85 0.75 -8.66
N LEU C 83 -33.18 2.02 -8.83
CA LEU C 83 -32.24 3.01 -9.37
C LEU C 83 -31.75 3.96 -8.28
N ASN C 84 -31.99 3.60 -7.02
CA ASN C 84 -31.57 4.42 -5.89
C ASN C 84 -30.41 3.73 -5.16
N PRO C 85 -29.19 4.30 -5.27
CA PRO C 85 -28.01 3.65 -4.67
C PRO C 85 -28.13 3.48 -3.16
N GLU C 86 -29.02 4.23 -2.54
CA GLU C 86 -29.22 4.15 -1.09
C GLU C 86 -29.72 2.76 -0.69
N ASN C 87 -30.34 2.07 -1.64
CA ASN C 87 -30.96 0.77 -1.39
C ASN C 87 -30.03 -0.41 -1.63
N PHE C 88 -28.80 -0.14 -2.06
CA PHE C 88 -27.85 -1.19 -2.43
C PHE C 88 -26.90 -1.56 -1.30
N SER C 89 -26.28 -2.73 -1.45
CA SER C 89 -25.22 -3.17 -0.56
C SER C 89 -24.17 -3.91 -1.36
N GLN C 90 -22.93 -3.43 -1.26
CA GLN C 90 -21.83 -3.92 -2.08
C GLN C 90 -22.18 -3.78 -3.55
N GLY C 91 -22.95 -2.74 -3.87
CA GLY C 91 -23.38 -2.48 -5.23
C GLY C 91 -24.40 -3.48 -5.74
N HIS C 92 -25.06 -4.20 -4.81
CA HIS C 92 -25.97 -5.27 -5.17
C HIS C 92 -27.34 -5.10 -4.51
N LEU C 93 -28.37 -5.66 -5.13
CA LEU C 93 -29.75 -5.48 -4.68
C LEU C 93 -30.69 -6.61 -5.10
N MET C 94 -31.33 -7.21 -4.11
CA MET C 94 -32.32 -8.24 -4.33
C MET C 94 -33.73 -7.71 -4.36
N TRP C 95 -34.49 -8.03 -5.40
CA TRP C 95 -35.87 -7.55 -5.42
C TRP C 95 -36.71 -8.39 -4.48
N ASN C 96 -37.48 -7.70 -3.65
CA ASN C 96 -38.42 -8.33 -2.74
C ASN C 96 -39.59 -7.38 -2.53
N ASP C 97 -40.64 -7.84 -1.86
CA ASP C 97 -41.84 -7.04 -1.70
C ASP C 97 -41.63 -5.80 -0.83
N ASP C 98 -40.84 -5.95 0.24
CA ASP C 98 -40.62 -4.84 1.16
C ASP C 98 -39.81 -3.69 0.53
N LEU C 99 -39.07 -4.01 -0.52
CA LEU C 99 -38.26 -3.00 -1.23
C LEU C 99 -39.17 -1.98 -1.90
N PHE C 100 -40.36 -2.44 -2.30
CA PHE C 100 -41.32 -1.61 -3.01
C PHE C 100 -42.42 -1.14 -2.05
N ASN C 101 -42.05 -0.98 -0.79
CA ASN C 101 -42.99 -0.51 0.23
C ASN C 101 -43.55 0.89 -0.02
N GLU C 102 -42.77 1.75 -0.70
CA GLU C 102 -43.22 3.11 -1.04
C GLU C 102 -43.49 3.28 -2.54
N ALA C 103 -43.50 2.18 -3.28
CA ALA C 103 -43.76 2.21 -4.72
C ALA C 103 -44.62 1.02 -5.14
N GLN C 104 -45.73 0.84 -4.44
CA GLN C 104 -46.66 -0.25 -4.71
C GLN C 104 -47.18 -0.28 -6.16
N PRO C 105 -47.46 0.90 -6.74
CA PRO C 105 -47.96 0.90 -8.13
C PRO C 105 -47.02 0.23 -9.13
N LEU C 106 -45.73 0.47 -8.97
CA LEU C 106 -44.72 -0.12 -9.85
C LEU C 106 -44.62 -1.64 -9.69
N TRP C 107 -44.58 -2.11 -8.45
CA TRP C 107 -44.39 -3.54 -8.19
C TRP C 107 -45.49 -4.47 -8.71
N GLU C 108 -46.75 -4.16 -8.42
CA GLU C 108 -47.83 -5.02 -8.87
C GLU C 108 -47.98 -4.92 -10.37
N ALA C 109 -47.73 -3.72 -10.91
CA ALA C 109 -47.80 -3.50 -12.34
C ALA C 109 -46.76 -4.36 -13.04
N ALA C 110 -45.62 -4.55 -12.37
CA ALA C 110 -44.56 -5.41 -12.88
C ALA C 110 -45.02 -6.87 -12.83
N ARG C 111 -45.63 -7.28 -11.72
CA ARG C 111 -46.16 -8.63 -11.58
C ARG C 111 -47.15 -8.91 -12.70
N ALA C 112 -47.97 -7.91 -13.00
CA ALA C 112 -49.00 -8.03 -14.02
C ALA C 112 -48.44 -8.24 -15.41
N HIS C 113 -47.26 -7.68 -15.65
CA HIS C 113 -46.62 -7.77 -16.96
C HIS C 113 -45.63 -8.94 -17.04
N GLY C 114 -45.48 -9.66 -15.93
CA GLY C 114 -44.78 -10.92 -15.92
C GLY C 114 -43.40 -10.89 -15.30
N LEU C 115 -43.09 -9.81 -14.59
CA LEU C 115 -41.81 -9.71 -13.87
C LEU C 115 -42.02 -10.00 -12.38
N ARG C 116 -41.80 -11.26 -12.00
CA ARG C 116 -42.06 -11.74 -10.64
C ARG C 116 -40.82 -11.64 -9.75
N ARG C 117 -39.67 -12.03 -10.29
CA ARG C 117 -38.40 -12.02 -9.57
C ARG C 117 -37.34 -11.25 -10.35
N GLY C 118 -36.45 -10.56 -9.64
CA GLY C 118 -35.35 -9.86 -10.28
C GLY C 118 -34.20 -9.50 -9.36
N VAL C 119 -33.17 -8.89 -9.94
CA VAL C 119 -31.96 -8.54 -9.22
C VAL C 119 -31.27 -7.37 -9.93
N THR C 120 -30.61 -6.51 -9.17
CA THR C 120 -29.95 -5.34 -9.74
C THR C 120 -28.55 -5.12 -9.17
N GLN C 121 -27.64 -4.75 -10.07
CA GLN C 121 -26.27 -4.43 -9.74
C GLN C 121 -25.97 -3.03 -10.27
N TYR C 122 -25.20 -2.25 -9.51
CA TYR C 122 -24.84 -0.91 -9.94
C TYR C 122 -23.41 -0.57 -9.56
N LEU C 123 -22.83 0.37 -10.30
CA LEU C 123 -21.55 0.96 -9.92
C LEU C 123 -21.40 2.37 -10.49
N MET C 124 -20.37 3.07 -10.03
CA MET C 124 -20.07 4.42 -10.51
C MET C 124 -18.90 4.43 -11.50
N LEU C 125 -19.08 5.16 -12.60
CA LEU C 125 -18.08 5.24 -13.66
C LEU C 125 -17.12 6.41 -13.47
N PRO C 126 -15.99 6.39 -14.21
CA PRO C 126 -15.00 7.48 -14.14
C PRO C 126 -15.55 8.86 -14.53
N ASN C 127 -16.60 8.92 -15.34
CA ASN C 127 -17.25 10.20 -15.64
C ASN C 127 -18.36 10.51 -14.62
N ARG C 128 -18.32 9.82 -13.49
CA ARG C 128 -19.25 10.01 -12.37
C ARG C 128 -20.69 9.62 -12.66
N ALA C 129 -20.96 9.00 -13.81
CA ALA C 129 -22.30 8.49 -14.09
C ALA C 129 -22.54 7.17 -13.38
N LEU C 130 -23.74 6.97 -12.86
CA LEU C 130 -24.11 5.72 -12.20
C LEU C 130 -24.80 4.77 -13.17
N GLY C 131 -24.25 3.56 -13.28
CA GLY C 131 -24.78 2.54 -14.17
C GLY C 131 -25.51 1.45 -13.41
N PHE C 132 -26.68 1.06 -13.91
CA PHE C 132 -27.52 0.06 -13.27
C PHE C 132 -27.87 -1.06 -14.23
N LEU C 133 -27.47 -2.29 -13.89
CA LEU C 133 -27.86 -3.48 -14.64
C LEU C 133 -28.86 -4.30 -13.85
N SER C 134 -30.03 -4.53 -14.43
CA SER C 134 -31.07 -5.34 -13.81
C SER C 134 -31.36 -6.61 -14.62
N PHE C 135 -31.53 -7.73 -13.92
CA PHE C 135 -31.99 -8.98 -14.51
C PHE C 135 -33.36 -9.35 -13.95
N SER C 136 -34.19 -9.98 -14.77
CA SER C 136 -35.51 -10.43 -14.34
C SER C 136 -35.95 -11.71 -15.04
N ARG C 137 -36.75 -12.52 -14.34
CA ARG C 137 -37.29 -13.77 -14.87
C ARG C 137 -38.79 -13.88 -14.64
N CYS C 138 -39.48 -14.61 -15.51
CA CYS C 138 -40.92 -14.80 -15.39
C CYS C 138 -41.34 -16.11 -14.70
N SER C 139 -40.46 -16.71 -13.91
CA SER C 139 -40.85 -17.80 -13.02
C SER C 139 -40.49 -17.51 -11.56
N ALA C 140 -41.44 -17.76 -10.66
CA ALA C 140 -41.15 -17.54 -9.28
C ALA C 140 -39.97 -18.46 -9.05
N ARG C 141 -38.93 -17.88 -8.47
CA ARG C 141 -37.73 -18.62 -8.11
C ARG C 141 -36.63 -17.83 -7.38
N GLU C 142 -35.77 -18.60 -6.72
CA GLU C 142 -34.53 -18.12 -6.13
C GLU C 142 -34.60 -16.90 -5.23
N ILE C 143 -35.46 -16.94 -4.22
CA ILE C 143 -35.72 -15.74 -3.43
C ILE C 143 -34.46 -15.50 -2.61
N PRO C 144 -34.16 -16.42 -1.69
CA PRO C 144 -32.85 -16.20 -1.07
C PRO C 144 -31.82 -16.70 -2.07
N ILE C 145 -31.11 -15.77 -2.69
CA ILE C 145 -30.15 -16.12 -3.72
C ILE C 145 -29.03 -16.95 -3.11
N LEU C 146 -28.63 -16.57 -1.91
CA LEU C 146 -27.21 -16.53 -1.56
C LEU C 146 -26.52 -15.36 -2.27
N SER C 147 -26.61 -15.35 -3.60
CA SER C 147 -25.74 -16.20 -4.42
C SER C 147 -24.51 -15.41 -4.85
N ASP C 148 -23.40 -15.72 -4.21
CA ASP C 148 -22.27 -14.80 -4.14
C ASP C 148 -21.65 -14.70 -5.52
N GLU C 149 -21.67 -15.80 -6.25
CA GLU C 149 -21.11 -15.86 -7.59
C GLU C 149 -21.94 -15.00 -8.56
N LEU C 150 -23.24 -14.87 -8.29
CA LEU C 150 -24.11 -14.02 -9.09
C LEU C 150 -23.71 -12.56 -8.91
N GLN C 151 -23.60 -12.15 -7.65
CA GLN C 151 -23.19 -10.80 -7.30
C GLN C 151 -21.88 -10.45 -8.00
N LEU C 152 -20.93 -11.37 -7.93
CA LEU C 152 -19.63 -11.18 -8.55
C LEU C 152 -19.73 -11.21 -10.06
N LYS C 153 -20.57 -12.09 -10.59
CA LYS C 153 -20.80 -12.15 -12.03
C LYS C 153 -21.39 -10.83 -12.48
N MET C 154 -22.38 -10.36 -11.73
CA MET C 154 -23.05 -9.11 -12.05
C MET C 154 -22.11 -7.93 -11.84
N GLN C 155 -21.33 -7.94 -10.77
CA GLN C 155 -20.32 -6.92 -10.54
C GLN C 155 -19.50 -6.67 -11.80
N LEU C 156 -19.02 -7.75 -12.41
CA LEU C 156 -18.20 -7.66 -13.61
C LEU C 156 -19.00 -7.25 -14.85
N LEU C 157 -20.18 -7.83 -15.02
CA LEU C 157 -20.98 -7.58 -16.20
C LEU C 157 -21.38 -6.10 -16.27
N VAL C 158 -21.69 -5.50 -15.12
CA VAL C 158 -21.97 -4.06 -15.06
C VAL C 158 -20.78 -3.23 -15.48
N ARG C 159 -19.62 -3.53 -14.91
CA ARG C 159 -18.44 -2.70 -15.12
C ARG C 159 -18.00 -2.71 -16.58
N GLU C 160 -17.62 -3.88 -17.07
CA GLU C 160 -16.94 -3.99 -18.35
C GLU C 160 -17.81 -3.61 -19.54
N SER C 161 -19.12 -3.83 -19.42
CA SER C 161 -20.03 -3.46 -20.50
C SER C 161 -20.08 -1.94 -20.63
N LEU C 162 -20.19 -1.26 -19.49
CA LEU C 162 -20.19 0.20 -19.47
C LEU C 162 -18.80 0.74 -19.79
N MET C 163 -17.77 0.00 -19.40
CA MET C 163 -16.41 0.37 -19.77
C MET C 163 -16.20 0.22 -21.27
N ALA C 164 -16.72 -0.87 -21.83
CA ALA C 164 -16.66 -1.08 -23.26
C ALA C 164 -17.40 0.03 -23.98
N LEU C 165 -18.59 0.35 -23.49
CA LEU C 165 -19.44 1.37 -24.11
C LEU C 165 -18.82 2.77 -24.08
N MET C 166 -18.00 3.04 -23.08
CA MET C 166 -17.32 4.33 -23.00
C MET C 166 -16.18 4.40 -24.02
N ARG C 167 -15.43 3.31 -24.12
CA ARG C 167 -14.40 3.17 -25.16
C ARG C 167 -14.98 3.38 -26.56
N LEU C 168 -16.25 3.04 -26.73
CA LEU C 168 -16.92 3.15 -28.02
C LEU C 168 -17.66 4.49 -28.18
N ASN C 169 -17.52 5.36 -27.19
CA ASN C 169 -18.20 6.66 -27.17
C ASN C 169 -19.72 6.58 -27.38
N ASP C 170 -20.35 5.57 -26.79
CA ASP C 170 -21.82 5.48 -26.86
C ASP C 170 -22.42 6.55 -25.96
N GLU C 171 -23.44 7.23 -26.45
CA GLU C 171 -23.99 8.37 -25.73
C GLU C 171 -24.76 7.92 -24.49
N ILE C 172 -25.16 6.65 -24.46
CA ILE C 172 -25.87 6.11 -23.31
C ILE C 172 -25.03 6.35 -22.07
N VAL C 173 -23.72 6.33 -22.25
CA VAL C 173 -22.78 6.42 -21.14
C VAL C 173 -21.94 7.70 -21.23
N MET C 174 -21.80 8.27 -22.43
CA MET C 174 -20.94 9.43 -22.63
C MET C 174 -21.53 10.78 -22.23
N THR C 175 -20.74 11.52 -21.46
CA THR C 175 -21.05 12.87 -21.03
C THR C 175 -20.67 13.86 -22.13
N PRO C 176 -21.14 15.13 -22.01
CA PRO C 176 -20.79 16.20 -22.97
C PRO C 176 -19.29 16.34 -23.29
N GLU C 177 -18.99 16.39 -24.58
CA GLU C 177 -17.62 16.48 -25.10
C GLU C 177 -16.88 17.73 -24.63
N MET C 178 -15.68 17.56 -24.08
CA MET C 178 -14.85 18.70 -23.67
C MET C 178 -13.38 18.51 -24.05
N ASN C 179 -13.08 18.71 -25.34
CA ASN C 179 -11.70 18.68 -25.82
C ASN C 179 -11.08 20.06 -25.67
N PHE C 180 -10.41 20.28 -24.55
CA PHE C 180 -9.81 21.58 -24.26
C PHE C 180 -8.30 21.48 -24.42
N SER C 181 -7.66 22.57 -24.79
CA SER C 181 -6.21 22.57 -24.80
C SER C 181 -5.79 22.42 -23.35
N LYS C 182 -4.57 21.95 -23.11
CA LYS C 182 -4.11 21.74 -21.74
C LYS C 182 -4.02 23.08 -21.01
N ARG C 183 -3.65 24.14 -21.74
CA ARG C 183 -3.62 25.49 -21.18
C ARG C 183 -5.02 25.95 -20.78
N GLU C 184 -6.00 25.69 -21.64
CA GLU C 184 -7.38 26.10 -21.37
C GLU C 184 -7.91 25.43 -20.10
N LYS C 185 -7.53 24.17 -19.90
CA LYS C 185 -7.98 23.41 -18.74
C LYS C 185 -7.33 23.90 -17.46
N GLU C 186 -6.08 24.35 -17.58
CA GLU C 186 -5.35 24.87 -16.44
C GLU C 186 -6.04 26.13 -15.92
N ILE C 187 -6.53 26.97 -16.83
CA ILE C 187 -7.25 28.19 -16.46
C ILE C 187 -8.54 27.81 -15.75
N LEU C 188 -9.15 26.71 -16.15
CA LEU C 188 -10.36 26.22 -15.48
C LEU C 188 -10.08 25.78 -14.06
N ARG C 189 -9.01 25.03 -13.85
CA ARG C 189 -8.63 24.62 -12.49
C ARG C 189 -8.54 25.84 -11.61
N TRP C 190 -8.06 26.94 -12.19
CA TRP C 190 -7.87 28.17 -11.45
C TRP C 190 -9.19 28.94 -11.34
N THR C 191 -10.05 28.81 -12.34
CA THR C 191 -11.37 29.43 -12.28
C THR C 191 -12.18 28.79 -11.16
N ALA C 192 -12.07 27.47 -11.03
CA ALA C 192 -12.78 26.73 -10.01
C ALA C 192 -12.21 27.03 -8.62
N GLU C 193 -10.98 27.55 -8.58
CA GLU C 193 -10.37 27.97 -7.32
C GLU C 193 -10.81 29.39 -6.92
N GLY C 194 -11.54 30.05 -7.81
CA GLY C 194 -12.10 31.37 -7.52
C GLY C 194 -11.27 32.54 -8.01
N LYS C 195 -10.41 32.29 -9.00
CA LYS C 195 -9.50 33.33 -9.49
C LYS C 195 -10.17 34.18 -10.59
N THR C 196 -9.93 35.48 -10.55
CA THR C 196 -10.38 36.38 -11.61
C THR C 196 -9.40 36.31 -12.78
N SER C 197 -9.83 36.70 -13.97
CA SER C 197 -8.94 36.76 -15.12
C SER C 197 -7.69 37.57 -14.79
N ALA C 198 -7.91 38.65 -14.03
CA ALA C 198 -6.82 39.49 -13.57
C ALA C 198 -5.84 38.69 -12.71
N GLU C 199 -6.38 37.89 -11.81
CA GLU C 199 -5.55 37.09 -10.90
C GLU C 199 -4.86 35.92 -11.60
N ILE C 200 -5.58 35.29 -12.53
CA ILE C 200 -5.03 34.18 -13.30
C ILE C 200 -3.85 34.65 -14.15
N ALA C 201 -3.98 35.86 -14.68
CA ALA C 201 -2.94 36.47 -15.50
C ALA C 201 -1.61 36.60 -14.78
N MET C 202 -1.67 36.97 -13.49
CA MET C 202 -0.44 37.15 -12.71
C MET C 202 0.36 35.86 -12.58
N ILE C 203 -0.30 34.77 -12.22
CA ILE C 203 0.39 33.52 -11.93
C ILE C 203 0.92 32.81 -13.18
N LEU C 204 0.15 32.84 -14.28
CA LEU C 204 0.55 32.16 -15.50
C LEU C 204 1.35 33.04 -16.46
N SER C 205 1.56 34.29 -16.08
CA SER C 205 2.34 35.25 -16.87
C SER C 205 1.86 35.37 -18.33
N ILE C 206 0.59 35.72 -18.49
CA ILE C 206 -0.01 35.99 -19.79
C ILE C 206 -0.99 37.17 -19.70
N SER C 207 -1.35 37.72 -20.85
CA SER C 207 -2.23 38.89 -20.89
C SER C 207 -3.66 38.53 -20.51
N GLU C 208 -4.30 39.44 -19.77
CA GLU C 208 -5.71 39.29 -19.39
C GLU C 208 -6.61 39.21 -20.63
N ASN C 209 -6.11 39.74 -21.75
CA ASN C 209 -6.86 39.70 -23.00
C ASN C 209 -7.03 38.27 -23.47
N THR C 210 -5.99 37.47 -23.27
CA THR C 210 -6.01 36.06 -23.66
C THR C 210 -6.79 35.18 -22.69
N VAL C 211 -6.77 35.53 -21.40
CA VAL C 211 -7.56 34.78 -20.41
C VAL C 211 -9.03 34.90 -20.79
N ASN C 212 -9.46 36.14 -21.05
CA ASN C 212 -10.84 36.39 -21.45
C ASN C 212 -11.13 35.74 -22.81
N PHE C 213 -10.09 35.64 -23.63
CA PHE C 213 -10.22 35.03 -24.95
C PHE C 213 -10.44 33.52 -24.87
N HIS C 214 -9.61 32.84 -24.08
CA HIS C 214 -9.75 31.40 -23.90
C HIS C 214 -11.07 31.02 -23.25
N GLN C 215 -11.50 31.80 -22.26
CA GLN C 215 -12.76 31.52 -21.58
C GLN C 215 -13.93 31.52 -22.56
N LYS C 216 -13.97 32.50 -23.47
CA LYS C 216 -15.08 32.56 -24.41
C LYS C 216 -14.92 31.45 -25.44
N ASN C 217 -13.66 31.14 -25.78
CA ASN C 217 -13.37 30.06 -26.70
C ASN C 217 -13.70 28.72 -26.05
N MET C 218 -13.47 28.66 -24.74
CA MET C 218 -13.79 27.47 -23.96
C MET C 218 -15.31 27.33 -23.89
N GLN C 219 -16.00 28.45 -23.77
CA GLN C 219 -17.45 28.47 -23.74
C GLN C 219 -18.05 28.17 -25.12
N LYS C 220 -17.30 28.49 -26.18
CA LYS C 220 -17.76 28.17 -27.54
C LYS C 220 -18.02 26.68 -27.70
N LYS C 221 -17.01 25.89 -27.37
CA LYS C 221 -17.03 24.47 -27.64
C LYS C 221 -17.95 23.67 -26.71
N ILE C 222 -18.61 24.36 -25.78
CA ILE C 222 -19.66 23.76 -24.94
C ILE C 222 -20.95 24.58 -25.05
N ASN C 223 -20.80 25.82 -25.52
CA ASN C 223 -21.91 26.78 -25.57
C ASN C 223 -22.60 26.97 -24.22
N ALA C 224 -21.83 27.48 -23.26
CA ALA C 224 -22.35 27.83 -21.94
C ALA C 224 -22.38 29.35 -21.82
N PRO C 225 -23.31 29.90 -21.02
CA PRO C 225 -23.39 31.36 -20.87
C PRO C 225 -22.13 31.97 -20.27
N ASN C 226 -21.60 31.39 -19.20
CA ASN C 226 -20.51 32.01 -18.45
C ASN C 226 -19.46 31.00 -18.01
N LYS C 227 -18.43 31.49 -17.31
CA LYS C 227 -17.31 30.65 -16.91
C LYS C 227 -17.70 29.70 -15.80
N THR C 228 -18.77 30.04 -15.08
CA THR C 228 -19.22 29.24 -13.96
C THR C 228 -19.79 27.89 -14.40
N GLN C 229 -20.65 27.88 -15.41
CA GLN C 229 -21.27 26.61 -15.83
C GLN C 229 -20.20 25.69 -16.38
N VAL C 230 -19.21 26.26 -17.07
CA VAL C 230 -18.17 25.47 -17.71
C VAL C 230 -17.31 24.76 -16.68
N ALA C 231 -16.95 25.49 -15.62
CA ALA C 231 -16.12 24.95 -14.56
C ALA C 231 -16.86 23.83 -13.82
N CYS C 232 -18.15 24.05 -13.58
CA CYS C 232 -18.95 23.09 -12.82
C CYS C 232 -19.17 21.80 -13.60
N TYR C 233 -19.44 21.91 -14.90
CA TYR C 233 -19.58 20.73 -15.74
C TYR C 233 -18.26 19.95 -15.79
N ALA C 234 -17.17 20.69 -15.87
CA ALA C 234 -15.85 20.09 -15.90
C ALA C 234 -15.54 19.38 -14.58
N ALA C 235 -15.93 20.00 -13.47
CA ALA C 235 -15.68 19.44 -12.14
C ALA C 235 -16.58 18.24 -11.85
N ALA C 236 -17.82 18.32 -12.31
CA ALA C 236 -18.80 17.28 -12.03
C ALA C 236 -18.46 15.97 -12.72
N THR C 237 -17.68 16.06 -13.79
CA THR C 237 -17.29 14.89 -14.58
C THR C 237 -15.88 14.41 -14.27
N GLY C 238 -15.12 15.22 -13.55
CA GLY C 238 -13.78 14.87 -13.15
C GLY C 238 -12.72 15.17 -14.21
N LEU C 239 -13.12 15.89 -15.25
CA LEU C 239 -12.18 16.32 -16.29
C LEU C 239 -11.04 17.16 -15.71
N ILE C 240 -11.33 17.84 -14.61
CA ILE C 240 -10.39 18.78 -14.02
C ILE C 240 -9.60 18.09 -12.89
N HIS C 241 -9.94 16.84 -12.62
CA HIS C 241 -9.18 16.03 -11.67
C HIS C 241 -9.32 14.55 -11.98
#